data_3QTM
#
_entry.id   3QTM
#
_cell.length_a   48.930
_cell.length_b   107.840
_cell.length_c   101.790
_cell.angle_alpha   90.00
_cell.angle_beta   102.29
_cell.angle_gamma   90.00
#
_symmetry.space_group_name_H-M   'P 1 21 1'
#
loop_
_entity.id
_entity.type
_entity.pdbx_description
1 polymer 'Uncharacterized protein C4B3.07'
2 non-polymer 'SULFATE ION'
3 non-polymer 'CHLORIDE ION'
4 non-polymer 1,2-ETHANEDIOL
5 water water
#
_entity_poly.entity_id   1
_entity_poly.type   'polypeptide(L)'
_entity_poly.pdbx_seq_one_letter_code
;(MSE)EHHHHHHT(MSE)LVYTEEDNISQLWGLYE(MSE)SREKLENDDIDASVSLVFGTIHEADRILRNTEDISTLPKD
FHAAYSSALLAVSELFEIAQKRLKETNTEESYIDAAIERAQLGLDAPGNESRLFLALARAYLEKVRVLVWRHDNEESLAN
IPVTQLVNPYIEKAIQYLRPLAQDSTEYFDALTPDSLRPLYILSSYLFQFGDQFSEAFLLDV(CME)SIITALWLKSVVD
PNTPAYYKLIAQEAVLNNYTTFAEYY(MSE)DLLDNSESNVDDLINKASSWLNNSVDTWNVIYTLDKSPERLLKLADIK
(MSE)DLAQIVQDEASQDNYLKEACNAIKEAQGSGVELSPDYVEFVEAYSA
;
_entity_poly.pdbx_strand_id   A,B
#
loop_
_chem_comp.id
_chem_comp.type
_chem_comp.name
_chem_comp.formula
CL non-polymer 'CHLORIDE ION' 'Cl -1'
EDO non-polymer 1,2-ETHANEDIOL 'C2 H6 O2'
SO4 non-polymer 'SULFATE ION' 'O4 S -2'
#
# COMPACT_ATOMS: atom_id res chain seq x y z
N VAL A 12 -25.51 -32.75 -11.56
CA VAL A 12 -24.41 -32.56 -10.61
C VAL A 12 -24.22 -31.08 -10.24
N TYR A 13 -23.38 -30.82 -9.24
CA TYR A 13 -23.10 -29.46 -8.79
C TYR A 13 -21.66 -29.10 -9.13
N THR A 14 -21.50 -28.29 -10.17
CA THR A 14 -20.17 -28.02 -10.71
C THR A 14 -19.47 -26.86 -10.00
N GLU A 15 -18.19 -26.70 -10.28
CA GLU A 15 -17.45 -25.56 -9.75
C GLU A 15 -18.11 -24.26 -10.22
N GLU A 16 -18.63 -24.28 -11.43
CA GLU A 16 -19.33 -23.12 -11.96
C GLU A 16 -20.57 -22.81 -11.12
N ASP A 17 -21.34 -23.85 -10.78
CA ASP A 17 -22.50 -23.70 -9.90
C ASP A 17 -22.12 -23.11 -8.55
N ASN A 18 -21.11 -23.71 -7.92
CA ASN A 18 -20.52 -23.21 -6.68
C ASN A 18 -20.23 -21.71 -6.71
N ILE A 19 -19.63 -21.25 -7.81
CA ILE A 19 -19.25 -19.85 -7.92
CA ILE A 19 -19.25 -19.85 -7.89
C ILE A 19 -20.51 -19.02 -8.04
N SER A 20 -21.46 -19.52 -8.81
CA SER A 20 -22.73 -18.87 -8.97
C SER A 20 -23.45 -18.75 -7.62
N GLN A 21 -23.33 -19.78 -6.78
CA GLN A 21 -23.97 -19.71 -5.46
C GLN A 21 -23.22 -18.70 -4.57
N LEU A 22 -21.91 -18.60 -4.77
CA LEU A 22 -21.10 -17.65 -4.05
C LEU A 22 -21.59 -16.22 -4.31
N TRP A 23 -21.81 -15.91 -5.59
CA TRP A 23 -22.34 -14.60 -5.96
C TRP A 23 -23.73 -14.38 -5.37
N GLY A 24 -24.52 -15.46 -5.30
CA GLY A 24 -25.86 -15.39 -4.77
C GLY A 24 -25.89 -14.93 -3.31
N LEU A 25 -24.98 -15.47 -2.51
CA LEU A 25 -24.82 -15.05 -1.11
C LEU A 25 -24.46 -13.58 -1.00
N TYR A 26 -23.50 -13.14 -1.81
CA TYR A 26 -23.12 -11.73 -1.82
C TYR A 26 -24.31 -10.83 -2.22
N GLU A 27 -25.04 -11.25 -3.25
CA GLU A 27 -26.15 -10.47 -3.78
C GLU A 27 -27.24 -10.29 -2.72
N MSE A 28 -27.53 -11.38 -2.03
CA MSE A 28 -28.47 -11.35 -0.93
C MSE A 28 -28.02 -10.39 0.17
O MSE A 28 -28.85 -9.70 0.77
CB MSE A 28 -28.61 -12.74 -0.34
CG MSE A 28 -29.76 -13.52 -0.88
SE MSE A 28 -30.15 -14.99 0.36
CE MSE A 28 -28.92 -16.28 -0.40
N SER A 29 -26.73 -10.38 0.46
CA SER A 29 -26.21 -9.45 1.47
C SER A 29 -26.53 -8.01 1.06
N ARG A 30 -26.49 -7.73 -0.24
CA ARG A 30 -26.80 -6.39 -0.72
C ARG A 30 -28.30 -6.07 -0.64
N GLU A 31 -29.16 -7.07 -0.83
CA GLU A 31 -30.60 -6.89 -0.67
C GLU A 31 -30.95 -6.59 0.79
N LYS A 32 -30.30 -7.33 1.70
CA LYS A 32 -30.47 -7.09 3.13
C LYS A 32 -30.00 -5.68 3.53
N LEU A 33 -28.87 -5.26 2.98
CA LEU A 33 -28.36 -3.93 3.26
C LEU A 33 -29.41 -2.90 2.85
N GLU A 34 -29.96 -3.07 1.65
CA GLU A 34 -30.96 -2.15 1.10
C GLU A 34 -32.23 -2.04 1.97
N ASN A 35 -32.58 -3.13 2.64
CA ASN A 35 -33.67 -3.13 3.59
C ASN A 35 -33.26 -2.73 5.00
N ASP A 36 -32.09 -2.14 5.12
CA ASP A 36 -31.58 -1.68 6.42
C ASP A 36 -31.49 -2.80 7.46
N ASP A 37 -31.26 -4.03 6.99
CA ASP A 37 -30.97 -5.14 7.89
C ASP A 37 -29.49 -5.42 7.82
N ILE A 38 -28.72 -4.64 8.59
CA ILE A 38 -27.27 -4.65 8.49
C ILE A 38 -26.66 -5.90 9.12
N ASP A 39 -27.26 -6.37 10.21
CA ASP A 39 -26.72 -7.57 10.84
C ASP A 39 -26.89 -8.79 9.97
N ALA A 40 -28.02 -8.89 9.28
CA ALA A 40 -28.23 -9.96 8.32
C ALA A 40 -27.20 -9.86 7.19
N SER A 41 -27.00 -8.64 6.69
CA SER A 41 -26.04 -8.42 5.60
C SER A 41 -24.67 -8.91 6.02
N VAL A 42 -24.29 -8.58 7.25
CA VAL A 42 -22.99 -8.93 7.78
C VAL A 42 -22.83 -10.46 7.84
N SER A 43 -23.86 -11.15 8.32
CA SER A 43 -23.87 -12.62 8.31
C SER A 43 -23.65 -13.17 6.91
N LEU A 44 -24.37 -12.62 5.94
CA LEU A 44 -24.23 -13.11 4.56
C LEU A 44 -22.84 -12.85 3.97
N VAL A 45 -22.24 -11.72 4.32
CA VAL A 45 -20.92 -11.36 3.83
C VAL A 45 -19.85 -12.30 4.38
N PHE A 46 -19.85 -12.50 5.69
CA PHE A 46 -18.93 -13.45 6.30
C PHE A 46 -19.17 -14.87 5.77
N GLY A 47 -20.42 -15.21 5.50
CA GLY A 47 -20.78 -16.51 4.95
C GLY A 47 -20.16 -16.66 3.57
N THR A 48 -20.22 -15.59 2.78
CA THR A 48 -19.59 -15.57 1.46
C THR A 48 -18.10 -15.87 1.56
N ILE A 49 -17.44 -15.22 2.50
CA ILE A 49 -16.02 -15.40 2.70
C ILE A 49 -15.71 -16.86 3.07
N HIS A 50 -16.46 -17.41 4.00
CA HIS A 50 -16.29 -18.82 4.39
C HIS A 50 -16.49 -19.76 3.20
N GLU A 51 -17.53 -19.51 2.42
CA GLU A 51 -17.80 -20.40 1.29
C GLU A 51 -16.66 -20.29 0.28
N ALA A 52 -16.12 -19.08 0.11
CA ALA A 52 -15.00 -18.88 -0.81
C ALA A 52 -13.80 -19.69 -0.35
N ASP A 53 -13.55 -19.65 0.95
CA ASP A 53 -12.46 -20.42 1.54
C ASP A 53 -12.66 -21.91 1.31
N ARG A 54 -13.91 -22.36 1.44
CA ARG A 54 -14.22 -23.77 1.24
C ARG A 54 -13.94 -24.15 -0.20
N ILE A 55 -14.29 -23.27 -1.13
CA ILE A 55 -14.04 -23.54 -2.54
C ILE A 55 -12.53 -23.65 -2.80
N LEU A 56 -11.75 -22.77 -2.18
CA LEU A 56 -10.30 -22.85 -2.32
C LEU A 56 -9.73 -24.16 -1.77
N ARG A 57 -10.32 -24.67 -0.69
CA ARG A 57 -9.86 -25.90 -0.07
C ARG A 57 -10.16 -27.14 -0.93
N ASN A 58 -11.29 -27.12 -1.63
CA ASN A 58 -11.79 -28.30 -2.31
C ASN A 58 -11.54 -28.37 -3.82
N THR A 59 -11.12 -27.28 -4.44
CA THR A 59 -10.94 -27.30 -5.89
C THR A 59 -9.70 -28.11 -6.25
N GLU A 60 -9.75 -28.80 -7.40
CA GLU A 60 -8.61 -29.56 -7.89
C GLU A 60 -7.40 -28.68 -8.23
N ASP A 61 -7.66 -27.49 -8.77
CA ASP A 61 -6.59 -26.58 -9.20
C ASP A 61 -6.96 -25.11 -8.99
N ILE A 62 -6.38 -24.49 -7.98
CA ILE A 62 -6.82 -23.14 -7.62
C ILE A 62 -6.57 -22.19 -8.78
N SER A 63 -5.56 -22.51 -9.59
CA SER A 63 -5.19 -21.64 -10.68
C SER A 63 -6.26 -21.60 -11.78
N THR A 64 -7.22 -22.53 -11.74
CA THR A 64 -8.27 -22.49 -12.77
C THR A 64 -9.58 -21.90 -12.26
N LEU A 65 -9.61 -21.46 -11.01
CA LEU A 65 -10.76 -20.68 -10.56
C LEU A 65 -10.84 -19.43 -11.42
N PRO A 66 -12.05 -19.06 -11.86
CA PRO A 66 -12.19 -17.92 -12.76
C PRO A 66 -12.06 -16.59 -12.04
N LYS A 67 -11.85 -15.56 -12.84
CA LYS A 67 -11.85 -14.20 -12.35
C LYS A 67 -13.09 -13.90 -11.52
N ASP A 68 -14.24 -14.44 -11.91
CA ASP A 68 -15.50 -14.21 -11.18
C ASP A 68 -15.46 -14.74 -9.76
N PHE A 69 -14.70 -15.80 -9.51
CA PHE A 69 -14.52 -16.27 -8.14
C PHE A 69 -13.79 -15.20 -7.31
N HIS A 70 -12.67 -14.69 -7.81
CA HIS A 70 -11.91 -13.72 -7.02
C HIS A 70 -12.67 -12.39 -6.89
N ALA A 71 -13.49 -12.07 -7.90
CA ALA A 71 -14.33 -10.87 -7.85
C ALA A 71 -15.34 -10.95 -6.73
N ALA A 72 -16.00 -12.10 -6.57
CA ALA A 72 -17.00 -12.26 -5.51
C ALA A 72 -16.35 -12.21 -4.14
N TYR A 73 -15.20 -12.88 -4.03
CA TYR A 73 -14.47 -12.94 -2.78
C TYR A 73 -13.98 -11.52 -2.41
N SER A 74 -13.43 -10.81 -3.37
CA SER A 74 -12.99 -9.43 -3.16
C SER A 74 -14.16 -8.56 -2.70
N SER A 75 -15.32 -8.72 -3.35
CA SER A 75 -16.51 -7.93 -3.00
C SER A 75 -16.98 -8.17 -1.57
N ALA A 76 -16.93 -9.43 -1.12
CA ALA A 76 -17.31 -9.73 0.26
C ALA A 76 -16.34 -9.04 1.23
N LEU A 77 -15.05 -9.12 0.97
CA LEU A 77 -14.05 -8.44 1.79
C LEU A 77 -14.31 -6.93 1.87
N LEU A 78 -14.64 -6.33 0.74
CA LEU A 78 -14.86 -4.90 0.72
C LEU A 78 -16.08 -4.57 1.57
N ALA A 79 -17.06 -5.47 1.55
CA ALA A 79 -18.32 -5.21 2.21
C ALA A 79 -18.12 -5.25 3.71
N VAL A 80 -17.16 -6.06 4.16
CA VAL A 80 -16.83 -6.12 5.58
C VAL A 80 -16.32 -4.75 5.99
N SER A 81 -15.47 -4.16 5.13
CA SER A 81 -14.98 -2.81 5.39
C SER A 81 -16.12 -1.77 5.43
N GLU A 82 -17.08 -1.89 4.52
CA GLU A 82 -18.19 -0.94 4.46
C GLU A 82 -19.04 -1.01 5.73
N LEU A 83 -19.20 -2.21 6.27
CA LEU A 83 -20.08 -2.43 7.39
C LEU A 83 -19.27 -2.71 8.63
N PHE A 84 -18.02 -2.26 8.62
CA PHE A 84 -17.06 -2.62 9.67
C PHE A 84 -17.51 -2.27 11.09
N GLU A 85 -18.30 -1.22 11.22
CA GLU A 85 -18.73 -0.74 12.52
C GLU A 85 -19.51 -1.83 13.26
N ILE A 86 -20.31 -2.59 12.52
CA ILE A 86 -21.05 -3.72 13.07
C ILE A 86 -20.25 -5.01 12.98
N ALA A 87 -19.57 -5.20 11.84
CA ALA A 87 -18.87 -6.46 11.56
C ALA A 87 -17.71 -6.70 12.51
N GLN A 88 -17.09 -5.61 12.97
CA GLN A 88 -15.96 -5.73 13.86
C GLN A 88 -16.32 -6.46 15.16
N LYS A 89 -17.60 -6.40 15.54
CA LYS A 89 -18.05 -7.08 16.76
C LYS A 89 -17.81 -8.58 16.70
N ARG A 90 -17.66 -9.15 15.51
CA ARG A 90 -17.52 -10.60 15.38
C ARG A 90 -16.05 -10.98 15.18
N LEU A 91 -15.17 -10.00 15.29
CA LEU A 91 -13.76 -10.22 15.00
C LEU A 91 -12.87 -9.87 16.19
N LYS A 92 -11.63 -10.40 16.19
CA LYS A 92 -10.63 -9.98 17.17
C LYS A 92 -10.36 -8.49 16.98
N GLU A 93 -9.88 -7.82 18.03
CA GLU A 93 -9.76 -6.36 18.00
C GLU A 93 -8.61 -5.89 17.11
N THR A 94 -7.72 -6.81 16.77
CA THR A 94 -6.57 -6.47 15.95
C THR A 94 -6.96 -6.04 14.53
N ASN A 95 -8.23 -6.24 14.17
CA ASN A 95 -8.70 -5.96 12.80
C ASN A 95 -9.09 -4.51 12.54
N THR A 96 -9.01 -4.10 11.27
CA THR A 96 -9.40 -2.73 10.89
C THR A 96 -10.18 -2.69 9.58
N GLU A 97 -11.00 -1.66 9.42
CA GLU A 97 -11.66 -1.41 8.15
C GLU A 97 -10.64 -1.39 7.00
N GLU A 98 -9.56 -0.63 7.18
CA GLU A 98 -8.56 -0.47 6.13
C GLU A 98 -7.93 -1.81 5.72
N SER A 99 -7.72 -2.69 6.67
CA SER A 99 -7.13 -3.97 6.35
C SER A 99 -8.06 -4.81 5.46
N TYR A 100 -9.37 -4.66 5.64
CA TYR A 100 -10.34 -5.32 4.77
C TYR A 100 -10.38 -4.73 3.35
N ILE A 101 -10.15 -3.42 3.22
CA ILE A 101 -10.01 -2.80 1.91
C ILE A 101 -8.75 -3.35 1.24
N ASP A 102 -7.63 -3.39 1.98
CA ASP A 102 -6.38 -3.96 1.46
C ASP A 102 -6.58 -5.41 0.99
N ALA A 103 -7.26 -6.21 1.81
CA ALA A 103 -7.52 -7.60 1.43
C ALA A 103 -8.38 -7.70 0.16
N ALA A 104 -9.42 -6.86 0.08
CA ALA A 104 -10.26 -6.80 -1.13
C ALA A 104 -9.43 -6.54 -2.38
N ILE A 105 -8.51 -5.57 -2.28
CA ILE A 105 -7.58 -5.26 -3.35
C ILE A 105 -6.68 -6.46 -3.70
N GLU A 106 -6.04 -7.05 -2.70
CA GLU A 106 -5.13 -8.16 -2.95
C GLU A 106 -5.87 -9.38 -3.54
N ARG A 107 -7.05 -9.67 -2.97
CA ARG A 107 -7.86 -10.78 -3.47
C ARG A 107 -8.22 -10.56 -4.94
N ALA A 108 -8.64 -9.35 -5.27
CA ALA A 108 -9.02 -9.04 -6.64
C ALA A 108 -7.80 -9.08 -7.58
N GLN A 109 -6.65 -8.59 -7.11
CA GLN A 109 -5.45 -8.64 -7.93
C GLN A 109 -5.02 -10.09 -8.22
N LEU A 110 -5.24 -10.98 -7.27
CA LEU A 110 -4.99 -12.41 -7.50
C LEU A 110 -5.79 -12.94 -8.68
N GLY A 111 -6.94 -12.32 -8.96
CA GLY A 111 -7.78 -12.74 -10.06
C GLY A 111 -7.28 -12.34 -11.44
N LEU A 112 -6.32 -11.42 -11.50
CA LEU A 112 -5.88 -10.87 -12.79
C LEU A 112 -5.27 -11.94 -13.71
N ASP A 113 -4.69 -12.96 -13.11
CA ASP A 113 -4.11 -14.08 -13.86
C ASP A 113 -5.08 -15.25 -14.08
N ALA A 114 -6.23 -15.20 -13.41
CA ALA A 114 -7.19 -16.29 -13.52
C ALA A 114 -7.86 -16.26 -14.89
N PRO A 115 -8.41 -17.41 -15.33
CA PRO A 115 -9.15 -17.46 -16.60
C PRO A 115 -10.52 -16.80 -16.48
N GLY A 116 -11.12 -16.38 -17.60
CA GLY A 116 -12.52 -16.02 -17.67
C GLY A 116 -12.84 -14.56 -17.91
N ASN A 117 -14.13 -14.26 -18.07
CA ASN A 117 -14.60 -12.88 -18.23
C ASN A 117 -14.16 -11.97 -17.07
N GLU A 118 -13.73 -10.76 -17.41
CA GLU A 118 -13.05 -9.87 -16.46
C GLU A 118 -13.89 -8.70 -15.91
N SER A 119 -15.12 -8.55 -16.40
CA SER A 119 -15.97 -7.43 -16.01
C SER A 119 -16.18 -7.30 -14.50
N ARG A 120 -16.60 -8.40 -13.87
CA ARG A 120 -16.88 -8.36 -12.44
C ARG A 120 -15.59 -8.10 -11.65
N LEU A 121 -14.48 -8.63 -12.14
CA LEU A 121 -13.20 -8.42 -11.47
C LEU A 121 -12.79 -6.96 -11.59
N PHE A 122 -12.97 -6.39 -12.76
CA PHE A 122 -12.59 -5.00 -13.01
C PHE A 122 -13.40 -4.08 -12.10
N LEU A 123 -14.67 -4.41 -11.89
CA LEU A 123 -15.53 -3.62 -11.04
C LEU A 123 -15.08 -3.73 -9.58
N ALA A 124 -14.78 -4.95 -9.14
CA ALA A 124 -14.29 -5.18 -7.77
C ALA A 124 -12.99 -4.44 -7.50
N LEU A 125 -12.10 -4.45 -8.48
CA LEU A 125 -10.84 -3.74 -8.38
C LEU A 125 -11.07 -2.24 -8.24
N ALA A 126 -11.87 -1.67 -9.15
CA ALA A 126 -12.15 -0.24 -9.10
C ALA A 126 -12.77 0.17 -7.77
N ARG A 127 -13.78 -0.57 -7.33
CA ARG A 127 -14.46 -0.31 -6.07
C ARG A 127 -13.49 -0.29 -4.89
N ALA A 128 -12.58 -1.27 -4.84
CA ALA A 128 -11.65 -1.35 -3.73
C ALA A 128 -10.59 -0.27 -3.77
N TYR A 129 -10.08 0.07 -4.96
CA TYR A 129 -9.08 1.13 -5.09
C TYR A 129 -9.69 2.47 -4.67
N LEU A 130 -10.95 2.70 -5.03
CA LEU A 130 -11.60 3.95 -4.65
C LEU A 130 -11.86 4.01 -3.15
N GLU A 131 -12.21 2.88 -2.53
CA GLU A 131 -12.43 2.90 -1.07
C GLU A 131 -11.11 3.16 -0.37
N LYS A 132 -10.02 2.64 -0.94
CA LYS A 132 -8.68 2.92 -0.43
C LYS A 132 -8.40 4.44 -0.45
N VAL A 133 -8.75 5.10 -1.56
CA VAL A 133 -8.54 6.54 -1.70
C VAL A 133 -9.24 7.31 -0.57
N ARG A 134 -10.49 6.96 -0.33
CA ARG A 134 -11.26 7.59 0.73
C ARG A 134 -10.60 7.44 2.09
N VAL A 135 -10.14 6.24 2.40
CA VAL A 135 -9.49 6.03 3.71
C VAL A 135 -8.14 6.78 3.79
N LEU A 136 -7.40 6.84 2.68
CA LEU A 136 -6.14 7.57 2.67
C LEU A 136 -6.34 9.06 2.94
N VAL A 137 -7.40 9.64 2.35
CA VAL A 137 -7.75 11.03 2.61
C VAL A 137 -8.03 11.26 4.10
N TRP A 138 -8.79 10.35 4.70
CA TRP A 138 -9.02 10.40 6.14
C TRP A 138 -7.69 10.29 6.91
N ARG A 139 -6.81 9.39 6.48
CA ARG A 139 -5.55 9.22 7.19
C ARG A 139 -4.68 10.48 7.10
N HIS A 140 -4.64 11.08 5.92
CA HIS A 140 -3.92 12.32 5.72
C HIS A 140 -4.38 13.40 6.72
N ASP A 141 -5.69 13.49 6.93
CA ASP A 141 -6.26 14.51 7.81
C ASP A 141 -6.17 14.17 9.30
N ASN A 142 -5.92 12.89 9.63
CA ASN A 142 -5.96 12.48 11.03
C ASN A 142 -4.70 11.86 11.63
N GLU A 143 -3.84 11.30 10.79
CA GLU A 143 -2.63 10.66 11.30
C GLU A 143 -1.44 11.64 11.17
N GLU A 144 -0.72 11.83 12.27
CA GLU A 144 0.36 12.81 12.26
C GLU A 144 1.45 12.42 11.27
N SER A 145 1.56 11.13 11.01
CA SER A 145 2.62 10.63 10.15
C SER A 145 2.46 11.13 8.72
N LEU A 146 1.21 11.34 8.30
CA LEU A 146 0.90 11.62 6.91
C LEU A 146 0.57 13.08 6.64
N ALA A 147 0.55 13.88 7.69
CA ALA A 147 0.19 15.29 7.59
C ALA A 147 0.94 16.02 6.47
N ASN A 148 2.26 15.87 6.41
CA ASN A 148 3.03 16.64 5.42
C ASN A 148 3.29 15.92 4.08
N ILE A 149 2.58 14.81 3.85
CA ILE A 149 2.50 14.24 2.50
C ILE A 149 1.29 14.83 1.76
N PRO A 150 1.53 15.45 0.61
CA PRO A 150 0.39 15.99 -0.16
C PRO A 150 -0.60 14.88 -0.50
N VAL A 151 -1.90 15.13 -0.31
CA VAL A 151 -2.91 14.11 -0.59
C VAL A 151 -2.80 13.56 -2.01
N THR A 152 -2.58 14.45 -2.99
CA THR A 152 -2.56 14.00 -4.38
C THR A 152 -1.40 13.04 -4.60
N GLN A 153 -0.30 13.30 -3.92
CA GLN A 153 0.83 12.37 -3.97
C GLN A 153 0.37 11.03 -3.40
N LEU A 154 -0.32 11.09 -2.26
CA LEU A 154 -0.80 9.90 -1.55
C LEU A 154 -1.75 9.03 -2.36
N VAL A 155 -2.74 9.65 -2.99
CA VAL A 155 -3.85 8.91 -3.61
C VAL A 155 -3.82 8.74 -5.14
N ASN A 156 -3.04 9.56 -5.84
CA ASN A 156 -3.01 9.47 -7.31
C ASN A 156 -2.79 8.07 -7.87
N PRO A 157 -1.87 7.28 -7.26
CA PRO A 157 -1.65 5.91 -7.73
C PRO A 157 -2.92 5.04 -7.66
N TYR A 158 -3.71 5.20 -6.61
CA TYR A 158 -4.98 4.46 -6.50
C TYR A 158 -6.06 5.00 -7.43
N ILE A 159 -6.13 6.32 -7.55
CA ILE A 159 -7.01 6.95 -8.52
C ILE A 159 -6.71 6.41 -9.91
N GLU A 160 -5.45 6.38 -10.27
CA GLU A 160 -5.04 5.93 -11.59
C GLU A 160 -5.38 4.46 -11.82
N LYS A 161 -5.17 3.63 -10.80
CA LYS A 161 -5.53 2.21 -10.90
C LYS A 161 -7.03 2.04 -11.03
N ALA A 162 -7.81 2.85 -10.32
CA ALA A 162 -9.26 2.76 -10.43
C ALA A 162 -9.67 3.05 -11.89
N ILE A 163 -9.18 4.16 -12.41
CA ILE A 163 -9.51 4.56 -13.78
C ILE A 163 -9.10 3.50 -14.80
N GLN A 164 -7.97 2.85 -14.55
CA GLN A 164 -7.49 1.79 -15.45
C GLN A 164 -8.55 0.69 -15.59
N TYR A 165 -9.22 0.32 -14.50
CA TYR A 165 -10.20 -0.75 -14.61
C TYR A 165 -11.62 -0.26 -14.93
N LEU A 166 -11.92 1.00 -14.66
CA LEU A 166 -13.23 1.54 -15.01
C LEU A 166 -13.36 1.78 -16.53
N ARG A 167 -12.26 2.20 -17.15
CA ARG A 167 -12.31 2.59 -18.55
C ARG A 167 -12.84 1.46 -19.44
N PRO A 168 -12.31 0.24 -19.29
CA PRO A 168 -12.87 -0.88 -20.07
C PRO A 168 -14.36 -1.08 -19.80
N LEU A 169 -14.80 -0.92 -18.55
CA LEU A 169 -16.20 -1.19 -18.20
C LEU A 169 -17.12 -0.19 -18.86
N ALA A 170 -16.62 1.01 -19.10
CA ALA A 170 -17.45 2.09 -19.64
C ALA A 170 -17.61 2.03 -21.17
N GLN A 171 -16.84 1.17 -21.84
CA GLN A 171 -16.96 1.04 -23.29
C GLN A 171 -18.26 0.38 -23.68
N ASP A 172 -18.80 0.77 -24.83
CA ASP A 172 -20.03 0.17 -25.34
C ASP A 172 -19.83 -1.31 -25.59
N SER A 173 -18.62 -1.70 -25.99
CA SER A 173 -18.32 -3.11 -26.19
C SER A 173 -18.52 -3.94 -24.91
N THR A 174 -18.40 -3.31 -23.75
CA THR A 174 -18.68 -4.01 -22.50
C THR A 174 -20.19 -4.08 -22.27
N GLU A 175 -20.76 -5.27 -22.39
CA GLU A 175 -22.20 -5.39 -22.27
C GLU A 175 -22.64 -5.39 -20.80
N TYR A 176 -23.90 -5.05 -20.56
CA TYR A 176 -24.40 -4.98 -19.20
C TYR A 176 -24.22 -6.32 -18.49
N PHE A 177 -23.81 -6.25 -17.22
CA PHE A 177 -23.71 -7.42 -16.36
C PHE A 177 -24.29 -7.03 -14.99
N ASP A 178 -24.92 -7.99 -14.31
CA ASP A 178 -25.79 -7.60 -13.20
C ASP A 178 -25.12 -7.29 -11.87
N ALA A 179 -23.79 -7.39 -11.78
CA ALA A 179 -23.08 -6.86 -10.62
C ALA A 179 -22.97 -5.34 -10.73
N LEU A 180 -23.21 -4.82 -11.95
CA LEU A 180 -23.12 -3.37 -12.21
C LEU A 180 -24.44 -2.68 -11.90
N THR A 181 -24.67 -2.41 -10.62
CA THR A 181 -25.89 -1.74 -10.17
C THR A 181 -25.57 -0.33 -9.70
N PRO A 182 -26.61 0.53 -9.56
CA PRO A 182 -26.39 1.84 -8.98
C PRO A 182 -25.72 1.78 -7.61
N ASP A 183 -26.07 0.78 -6.80
CA ASP A 183 -25.44 0.67 -5.49
C ASP A 183 -23.95 0.34 -5.62
N SER A 184 -23.61 -0.58 -6.50
CA SER A 184 -22.19 -0.93 -6.65
C SER A 184 -21.36 0.23 -7.19
N LEU A 185 -22.01 1.24 -7.77
CA LEU A 185 -21.25 2.38 -8.28
C LEU A 185 -21.13 3.50 -7.27
N ARG A 186 -21.57 3.30 -6.04
CA ARG A 186 -21.46 4.36 -5.04
C ARG A 186 -20.03 4.90 -4.85
N PRO A 187 -19.02 4.03 -4.91
CA PRO A 187 -17.64 4.54 -4.81
C PRO A 187 -17.29 5.54 -5.91
N LEU A 188 -18.05 5.59 -7.00
CA LEU A 188 -17.78 6.60 -8.03
C LEU A 188 -17.90 8.01 -7.44
N TYR A 189 -18.71 8.17 -6.39
CA TYR A 189 -18.82 9.47 -5.73
C TYR A 189 -17.44 9.91 -5.22
N ILE A 190 -16.66 8.94 -4.73
CA ILE A 190 -15.32 9.25 -4.22
C ILE A 190 -14.48 9.85 -5.33
N LEU A 191 -14.57 9.25 -6.51
CA LEU A 191 -13.78 9.73 -7.64
C LEU A 191 -14.22 11.13 -8.08
N SER A 192 -15.54 11.35 -8.12
CA SER A 192 -16.06 12.64 -8.57
C SER A 192 -15.61 13.73 -7.62
N SER A 193 -15.68 13.42 -6.33
CA SER A 193 -15.32 14.38 -5.30
C SER A 193 -13.84 14.71 -5.42
N TYR A 194 -13.03 13.70 -5.70
CA TYR A 194 -11.60 13.91 -5.83
C TYR A 194 -11.26 14.83 -6.98
N LEU A 195 -11.88 14.58 -8.14
CA LEU A 195 -11.62 15.38 -9.33
C LEU A 195 -12.12 16.81 -9.14
N PHE A 196 -13.11 16.99 -8.27
CA PHE A 196 -13.64 18.31 -7.96
C PHE A 196 -12.74 19.06 -6.97
N GLN A 197 -12.36 18.38 -5.90
CA GLN A 197 -11.53 18.96 -4.87
C GLN A 197 -10.16 19.29 -5.42
N PHE A 198 -9.65 18.44 -6.31
CA PHE A 198 -8.26 18.54 -6.75
C PHE A 198 -8.11 18.59 -8.26
N GLY A 199 -9.13 19.08 -8.94
CA GLY A 199 -9.12 19.13 -10.39
C GLY A 199 -8.15 20.15 -10.92
N ASP A 200 -7.64 20.99 -10.02
CA ASP A 200 -6.68 22.03 -10.36
C ASP A 200 -5.46 21.42 -11.04
N GLN A 201 -5.12 20.20 -10.65
CA GLN A 201 -3.89 19.57 -11.11
C GLN A 201 -4.04 18.82 -12.43
N PHE A 202 -5.28 18.64 -12.89
CA PHE A 202 -5.52 17.89 -14.10
C PHE A 202 -5.84 18.80 -15.27
N SER A 203 -5.49 18.34 -16.47
CA SER A 203 -5.85 19.07 -17.66
C SER A 203 -7.34 18.94 -17.92
N GLU A 204 -7.87 19.84 -18.73
CA GLU A 204 -9.26 19.78 -19.09
C GLU A 204 -9.57 18.47 -19.82
N ALA A 205 -8.63 18.02 -20.64
CA ALA A 205 -8.87 16.82 -21.44
C ALA A 205 -8.96 15.59 -20.53
N PHE A 206 -8.12 15.57 -19.50
CA PHE A 206 -8.17 14.48 -18.53
C PHE A 206 -9.55 14.44 -17.86
N LEU A 207 -9.98 15.57 -17.33
CA LEU A 207 -11.27 15.69 -16.65
C LEU A 207 -12.43 15.29 -17.54
N LEU A 208 -12.43 15.78 -18.77
CA LEU A 208 -13.42 15.39 -19.76
C LEU A 208 -13.46 13.89 -19.93
N ASP A 209 -12.29 13.28 -19.98
CA ASP A 209 -12.17 11.85 -20.18
C ASP A 209 -12.72 11.06 -18.98
N VAL A 210 -12.27 11.38 -17.78
CA VAL A 210 -12.65 10.59 -16.63
C VAL A 210 -14.14 10.77 -16.32
N CME A 211 -14.64 11.97 -16.59
CA CME A 211 -16.05 12.26 -16.32
CB CME A 211 -16.33 13.77 -16.16
SG CME A 211 -15.39 14.61 -14.82
SD CME A 211 -16.38 14.67 -13.19
CE CME A 211 -16.95 16.37 -12.90
CZ CME A 211 -15.88 17.46 -12.76
OH CME A 211 -15.23 17.58 -11.52
C CME A 211 -17.00 11.55 -17.27
O CME A 211 -18.09 11.28 -16.91
N SER A 212 -16.56 11.30 -18.50
CA SER A 212 -17.40 10.57 -19.45
C SER A 212 -17.41 9.07 -19.11
N ILE A 213 -16.30 8.58 -18.58
CA ILE A 213 -16.28 7.23 -18.04
C ILE A 213 -17.29 7.09 -16.91
N ILE A 214 -17.22 8.00 -15.95
CA ILE A 214 -18.08 7.95 -14.76
C ILE A 214 -19.53 7.97 -15.21
N THR A 215 -19.82 8.86 -16.13
CA THR A 215 -21.16 9.08 -16.62
C THR A 215 -21.66 7.89 -17.42
N ALA A 216 -20.81 7.34 -18.28
CA ALA A 216 -21.18 6.16 -19.04
C ALA A 216 -21.54 5.00 -18.12
N LEU A 217 -20.81 4.88 -17.01
CA LEU A 217 -21.05 3.78 -16.06
C LEU A 217 -22.41 3.89 -15.36
N TRP A 218 -22.73 5.07 -14.84
CA TRP A 218 -24.02 5.24 -14.19
C TRP A 218 -25.12 4.90 -15.17
N LEU A 219 -25.01 5.41 -16.38
CA LEU A 219 -26.02 5.15 -17.40
C LEU A 219 -26.13 3.68 -17.71
N LYS A 220 -24.98 3.00 -17.85
CA LYS A 220 -25.04 1.59 -18.17
C LYS A 220 -25.71 0.74 -17.08
N SER A 221 -25.60 1.18 -15.83
CA SER A 221 -26.15 0.40 -14.73
C SER A 221 -27.68 0.32 -14.78
N VAL A 222 -28.29 1.10 -15.65
CA VAL A 222 -29.74 1.17 -15.74
C VAL A 222 -30.26 1.28 -17.17
N VAL A 223 -29.47 0.82 -18.14
CA VAL A 223 -29.86 0.83 -19.55
C VAL A 223 -31.14 0.03 -19.81
N ASP A 224 -31.17 -1.20 -19.33
CA ASP A 224 -32.38 -2.02 -19.44
C ASP A 224 -33.60 -1.16 -19.12
N PRO A 225 -34.47 -0.92 -20.10
CA PRO A 225 -35.66 -0.09 -19.88
C PRO A 225 -36.55 -0.67 -18.78
N ASN A 226 -36.43 -1.97 -18.55
CA ASN A 226 -37.18 -2.65 -17.50
C ASN A 226 -36.64 -2.41 -16.09
N THR A 227 -35.50 -1.73 -16.00
CA THR A 227 -34.97 -1.34 -14.70
C THR A 227 -36.02 -0.53 -13.95
N PRO A 228 -36.30 -0.88 -12.69
CA PRO A 228 -37.31 -0.16 -11.94
C PRO A 228 -36.97 1.32 -11.84
N ALA A 229 -38.00 2.16 -11.79
CA ALA A 229 -37.82 3.60 -11.73
C ALA A 229 -36.91 3.98 -10.56
N TYR A 230 -37.13 3.31 -9.43
CA TYR A 230 -36.34 3.55 -8.22
C TYR A 230 -34.83 3.55 -8.48
N TYR A 231 -34.35 2.62 -9.30
CA TYR A 231 -32.92 2.53 -9.59
C TYR A 231 -32.46 3.52 -10.66
N LYS A 232 -33.28 3.70 -11.70
CA LYS A 232 -32.99 4.69 -12.72
C LYS A 232 -32.77 6.07 -12.08
N LEU A 233 -33.55 6.36 -11.05
CA LEU A 233 -33.45 7.64 -10.34
C LEU A 233 -32.08 7.86 -9.71
N ILE A 234 -31.60 6.86 -8.97
CA ILE A 234 -30.32 6.98 -8.30
C ILE A 234 -29.20 7.26 -9.31
N ALA A 235 -29.18 6.49 -10.39
CA ALA A 235 -28.22 6.65 -11.48
C ALA A 235 -28.31 8.03 -12.15
N GLN A 236 -29.53 8.46 -12.49
CA GLN A 236 -29.73 9.72 -13.18
C GLN A 236 -29.38 10.90 -12.28
N GLU A 237 -29.69 10.79 -10.99
CA GLU A 237 -29.26 11.80 -10.01
C GLU A 237 -27.73 11.95 -9.98
N ALA A 238 -27.01 10.84 -10.08
CA ALA A 238 -25.54 10.89 -10.08
C ALA A 238 -25.06 11.52 -11.39
N VAL A 239 -25.74 11.21 -12.49
CA VAL A 239 -25.40 11.85 -13.76
C VAL A 239 -25.70 13.36 -13.71
N LEU A 240 -26.88 13.73 -13.23
CA LEU A 240 -27.21 15.14 -13.09
C LEU A 240 -26.13 15.87 -12.26
N ASN A 241 -25.70 15.26 -11.16
CA ASN A 241 -24.63 15.82 -10.33
C ASN A 241 -23.30 16.02 -11.07
N ASN A 242 -22.89 15.04 -11.86
CA ASN A 242 -21.66 15.20 -12.63
C ASN A 242 -21.78 16.33 -13.68
N TYR A 243 -22.92 16.41 -14.36
CA TYR A 243 -23.12 17.51 -15.32
C TYR A 243 -23.04 18.89 -14.66
N THR A 244 -23.74 19.06 -13.54
CA THR A 244 -23.79 20.37 -12.92
C THR A 244 -22.44 20.72 -12.35
N THR A 245 -21.66 19.72 -11.96
CA THR A 245 -20.34 19.98 -11.41
C THR A 245 -19.38 20.42 -12.51
N PHE A 246 -19.51 19.81 -13.67
CA PHE A 246 -18.67 20.22 -14.78
C PHE A 246 -19.01 21.66 -15.18
N ALA A 247 -20.31 21.95 -15.22
CA ALA A 247 -20.75 23.31 -15.48
C ALA A 247 -20.07 24.29 -14.53
N GLU A 248 -20.07 23.98 -13.24
CA GLU A 248 -19.44 24.86 -12.25
C GLU A 248 -17.95 25.00 -12.47
N TYR A 249 -17.32 23.92 -12.92
CA TYR A 249 -15.90 23.94 -13.23
C TYR A 249 -15.62 25.10 -14.19
N TYR A 250 -16.46 25.21 -15.22
CA TYR A 250 -16.27 26.22 -16.23
C TYR A 250 -16.69 27.60 -15.75
N MSE A 251 -17.79 27.67 -15.03
CA MSE A 251 -18.27 28.95 -14.53
C MSE A 251 -17.25 29.54 -13.58
O MSE A 251 -17.03 30.75 -13.58
CB MSE A 251 -19.62 28.79 -13.83
CG MSE A 251 -20.73 28.31 -14.76
SE MSE A 251 -22.50 28.21 -13.92
CE MSE A 251 -22.21 26.77 -12.63
N ASP A 252 -16.60 28.69 -12.81
CA ASP A 252 -15.56 29.15 -11.89
C ASP A 252 -14.36 29.71 -12.64
N LEU A 253 -13.98 29.05 -13.74
CA LEU A 253 -12.90 29.54 -14.58
C LEU A 253 -13.26 30.90 -15.11
N LEU A 254 -14.49 31.02 -15.57
CA LEU A 254 -14.99 32.27 -16.14
C LEU A 254 -14.82 33.41 -15.16
N ASP A 255 -15.07 33.15 -13.89
CA ASP A 255 -14.94 34.17 -12.86
C ASP A 255 -13.55 34.81 -12.80
N ASN A 256 -12.57 34.19 -13.44
CA ASN A 256 -11.21 34.72 -13.47
C ASN A 256 -10.85 35.33 -14.83
N VAL A 261 -14.61 34.93 -21.52
CA VAL A 261 -14.20 34.08 -22.64
C VAL A 261 -15.40 33.34 -23.25
N ASP A 262 -15.53 33.41 -24.57
CA ASP A 262 -16.64 32.78 -25.27
C ASP A 262 -16.59 31.26 -25.12
N ASP A 263 -15.37 30.73 -25.08
CA ASP A 263 -15.19 29.29 -24.98
C ASP A 263 -15.74 28.76 -23.65
N LEU A 264 -15.28 29.35 -22.55
CA LEU A 264 -15.77 28.99 -21.23
C LEU A 264 -17.29 29.04 -21.14
N ILE A 265 -17.87 30.15 -21.61
CA ILE A 265 -19.31 30.30 -21.59
C ILE A 265 -20.02 29.24 -22.42
N ASN A 266 -19.49 28.96 -23.60
CA ASN A 266 -20.09 27.96 -24.47
C ASN A 266 -20.04 26.57 -23.84
N LYS A 267 -18.93 26.25 -23.19
CA LYS A 267 -18.77 24.93 -22.58
C LYS A 267 -19.64 24.80 -21.33
N ALA A 268 -19.67 25.83 -20.51
CA ALA A 268 -20.50 25.83 -19.32
C ALA A 268 -21.96 25.66 -19.70
N SER A 269 -22.37 26.30 -20.79
CA SER A 269 -23.75 26.26 -21.26
C SER A 269 -24.14 24.89 -21.79
N SER A 270 -23.21 24.20 -22.43
CA SER A 270 -23.49 22.85 -22.89
C SER A 270 -23.77 21.94 -21.71
N TRP A 271 -22.99 22.09 -20.66
CA TRP A 271 -23.17 21.23 -19.50
C TRP A 271 -24.45 21.57 -18.75
N LEU A 272 -24.78 22.85 -18.68
CA LEU A 272 -26.02 23.27 -18.03
C LEU A 272 -27.23 22.73 -18.78
N ASN A 273 -27.16 22.77 -20.11
CA ASN A 273 -28.24 22.22 -20.92
C ASN A 273 -28.33 20.69 -20.89
N ASN A 274 -27.19 20.01 -20.78
CA ASN A 274 -27.18 18.57 -20.50
C ASN A 274 -27.90 18.29 -19.18
N SER A 275 -27.66 19.16 -18.20
CA SER A 275 -28.26 19.04 -16.89
C SER A 275 -29.78 19.15 -17.02
N VAL A 276 -30.23 20.09 -17.86
CA VAL A 276 -31.66 20.26 -18.09
C VAL A 276 -32.27 18.99 -18.65
N ASP A 277 -31.58 18.40 -19.62
CA ASP A 277 -32.08 17.19 -20.27
C ASP A 277 -32.25 16.07 -19.25
N THR A 278 -31.23 15.90 -18.42
CA THR A 278 -31.23 14.86 -17.40
C THR A 278 -32.24 15.15 -16.29
N TRP A 279 -32.36 16.41 -15.89
CA TRP A 279 -33.41 16.78 -14.93
C TRP A 279 -34.80 16.38 -15.45
N ASN A 280 -35.03 16.57 -16.74
CA ASN A 280 -36.31 16.18 -17.36
C ASN A 280 -36.56 14.67 -17.29
N VAL A 281 -35.51 13.88 -17.49
CA VAL A 281 -35.65 12.43 -17.34
C VAL A 281 -36.04 12.12 -15.90
N ILE A 282 -35.39 12.77 -14.95
CA ILE A 282 -35.67 12.57 -13.54
C ILE A 282 -37.10 12.98 -13.20
N TYR A 283 -37.54 14.11 -13.74
CA TYR A 283 -38.88 14.62 -13.45
C TYR A 283 -39.95 13.69 -14.02
N THR A 284 -39.65 13.05 -15.14
CA THR A 284 -40.56 12.07 -15.71
C THR A 284 -40.63 10.78 -14.89
N LEU A 285 -39.54 10.49 -14.17
CA LEU A 285 -39.45 9.27 -13.37
C LEU A 285 -40.12 9.44 -12.01
N ASP A 286 -39.80 10.53 -11.34
CA ASP A 286 -40.37 10.85 -10.04
C ASP A 286 -40.89 12.29 -10.07
N LYS A 287 -42.05 12.46 -10.69
CA LYS A 287 -42.62 13.79 -10.85
C LYS A 287 -43.07 14.33 -9.50
N SER A 288 -42.29 15.26 -8.97
CA SER A 288 -42.59 15.83 -7.67
C SER A 288 -42.29 17.32 -7.71
N PRO A 289 -43.17 18.15 -7.13
CA PRO A 289 -43.14 19.60 -7.35
C PRO A 289 -41.86 20.24 -6.86
N GLU A 290 -41.25 19.71 -5.81
CA GLU A 290 -40.06 20.34 -5.26
C GLU A 290 -38.87 20.25 -6.22
N ARG A 291 -38.93 19.30 -7.15
CA ARG A 291 -37.88 19.17 -8.15
C ARG A 291 -37.78 20.42 -9.04
N LEU A 292 -38.91 21.11 -9.21
CA LEU A 292 -38.93 22.31 -10.06
C LEU A 292 -37.92 23.36 -9.60
N LEU A 293 -37.61 23.39 -8.31
CA LEU A 293 -36.59 24.32 -7.82
C LEU A 293 -35.20 24.00 -8.35
N LYS A 294 -34.89 22.71 -8.55
CA LYS A 294 -33.64 22.31 -9.16
C LYS A 294 -33.54 22.78 -10.62
N LEU A 295 -34.66 22.66 -11.33
CA LEU A 295 -34.73 23.20 -12.69
C LEU A 295 -34.49 24.71 -12.66
N ALA A 296 -35.17 25.39 -11.75
CA ALA A 296 -35.02 26.83 -11.59
C ALA A 296 -33.55 27.24 -11.40
N ASP A 297 -32.83 26.53 -10.54
CA ASP A 297 -31.41 26.85 -10.29
C ASP A 297 -30.55 26.68 -11.54
N ILE A 298 -30.80 25.64 -12.30
CA ILE A 298 -30.07 25.41 -13.55
C ILE A 298 -30.35 26.54 -14.56
N LYS A 299 -31.61 26.92 -14.69
CA LYS A 299 -31.98 28.00 -15.58
C LYS A 299 -31.38 29.34 -15.14
N MSE A 300 -31.30 29.57 -13.83
CA MSE A 300 -30.70 30.79 -13.31
C MSE A 300 -29.20 30.85 -13.56
O MSE A 300 -28.65 31.92 -13.79
CB MSE A 300 -30.99 30.94 -11.81
CG MSE A 300 -32.40 31.41 -11.51
SE MSE A 300 -32.77 31.40 -9.58
CE MSE A 300 -33.61 29.66 -9.39
N ASP A 301 -28.55 29.69 -13.52
CA ASP A 301 -27.15 29.58 -13.92
C ASP A 301 -26.98 29.89 -15.42
N LEU A 302 -27.89 29.37 -16.24
CA LEU A 302 -27.88 29.72 -17.65
C LEU A 302 -28.04 31.23 -17.88
N ALA A 303 -28.98 31.84 -17.15
CA ALA A 303 -29.26 33.26 -17.30
C ALA A 303 -28.06 34.11 -16.90
N GLN A 304 -27.32 33.64 -15.91
CA GLN A 304 -26.23 34.43 -15.34
C GLN A 304 -25.07 34.63 -16.32
N ILE A 305 -24.83 33.64 -17.17
CA ILE A 305 -23.63 33.62 -18.00
C ILE A 305 -23.90 33.88 -19.48
N VAL A 306 -25.14 33.71 -19.90
CA VAL A 306 -25.46 33.80 -21.33
C VAL A 306 -25.18 35.24 -21.82
N GLN A 307 -24.65 35.35 -23.03
CA GLN A 307 -24.21 36.64 -23.55
C GLN A 307 -25.28 37.35 -24.37
N ASP A 308 -26.45 36.75 -24.43
CA ASP A 308 -27.52 37.22 -25.30
C ASP A 308 -28.78 37.50 -24.48
N GLU A 309 -29.23 38.75 -24.52
CA GLU A 309 -30.38 39.19 -23.73
C GLU A 309 -31.65 38.40 -24.03
N ALA A 310 -31.86 38.02 -25.28
CA ALA A 310 -33.06 37.28 -25.66
C ALA A 310 -33.09 35.93 -24.94
N SER A 311 -31.96 35.24 -24.96
CA SER A 311 -31.83 33.98 -24.26
C SER A 311 -31.95 34.20 -22.75
N GLN A 312 -31.27 35.21 -22.23
CA GLN A 312 -31.32 35.48 -20.81
C GLN A 312 -32.77 35.67 -20.36
N ASP A 313 -33.52 36.44 -21.13
CA ASP A 313 -34.94 36.64 -20.86
C ASP A 313 -35.69 35.31 -20.78
N ASN A 314 -35.43 34.43 -21.75
CA ASN A 314 -36.06 33.11 -21.76
C ASN A 314 -35.76 32.31 -20.48
N TYR A 315 -34.48 32.21 -20.14
CA TYR A 315 -34.06 31.46 -18.96
C TYR A 315 -34.77 31.97 -17.69
N LEU A 316 -34.79 33.30 -17.52
CA LEU A 316 -35.36 33.89 -16.32
C LEU A 316 -36.85 33.58 -16.20
N LYS A 317 -37.57 33.66 -17.31
CA LYS A 317 -38.98 33.33 -17.31
C LYS A 317 -39.19 31.87 -16.92
N GLU A 318 -38.40 30.98 -17.51
CA GLU A 318 -38.48 29.56 -17.18
C GLU A 318 -38.24 29.29 -15.68
N ALA A 319 -37.25 29.95 -15.10
CA ALA A 319 -36.99 29.81 -13.66
C ALA A 319 -38.18 30.29 -12.84
N CYS A 320 -38.74 31.44 -13.22
CA CYS A 320 -39.85 32.02 -12.48
C CYS A 320 -41.09 31.14 -12.51
N ASN A 321 -41.40 30.61 -13.69
CA ASN A 321 -42.53 29.72 -13.85
C ASN A 321 -42.36 28.48 -12.99
N ALA A 322 -41.13 27.94 -13.00
CA ALA A 322 -40.82 26.73 -12.24
C ALA A 322 -41.07 26.99 -10.76
N ILE A 323 -40.50 28.08 -10.26
CA ILE A 323 -40.66 28.47 -8.86
C ILE A 323 -42.13 28.72 -8.48
N LYS A 324 -42.84 29.48 -9.31
CA LYS A 324 -44.25 29.75 -9.07
C LYS A 324 -45.08 28.46 -9.08
N GLU A 325 -44.80 27.57 -10.00
CA GLU A 325 -45.52 26.30 -10.06
C GLU A 325 -45.21 25.42 -8.84
N ALA A 326 -43.96 25.43 -8.39
CA ALA A 326 -43.58 24.70 -7.19
C ALA A 326 -44.41 25.21 -6.00
N GLN A 327 -44.39 26.51 -5.78
CA GLN A 327 -45.12 27.13 -4.67
C GLN A 327 -46.63 26.88 -4.77
N GLY A 328 -47.16 26.98 -5.98
CA GLY A 328 -48.57 26.71 -6.23
C GLY A 328 -48.93 25.25 -5.98
N SER A 329 -47.90 24.42 -5.86
CA SER A 329 -48.07 22.99 -5.62
C SER A 329 -47.72 22.65 -4.18
N GLY A 330 -47.60 23.67 -3.34
CA GLY A 330 -47.48 23.45 -1.91
C GLY A 330 -46.06 23.36 -1.42
N VAL A 331 -45.10 23.58 -2.32
CA VAL A 331 -43.69 23.59 -1.93
C VAL A 331 -43.34 24.90 -1.23
N GLU A 332 -42.68 24.80 -0.09
CA GLU A 332 -42.26 25.98 0.65
C GLU A 332 -41.09 26.66 -0.05
N LEU A 333 -41.19 27.97 -0.26
CA LEU A 333 -40.12 28.73 -0.88
C LEU A 333 -39.23 29.40 0.17
N SER A 334 -37.92 29.29 -0.02
CA SER A 334 -36.97 30.07 0.75
C SER A 334 -37.07 31.54 0.35
N PRO A 335 -36.67 32.45 1.24
CA PRO A 335 -36.67 33.89 0.93
C PRO A 335 -35.96 34.16 -0.39
N ASP A 336 -34.92 33.40 -0.68
CA ASP A 336 -34.18 33.54 -1.92
C ASP A 336 -35.10 33.39 -3.13
N TYR A 337 -35.81 32.27 -3.18
CA TYR A 337 -36.71 32.01 -4.29
C TYR A 337 -37.84 33.02 -4.25
N VAL A 338 -38.27 33.35 -3.03
CA VAL A 338 -39.36 34.28 -2.85
C VAL A 338 -39.07 35.63 -3.48
N GLU A 339 -37.88 36.17 -3.21
CA GLU A 339 -37.50 37.48 -3.74
C GLU A 339 -37.23 37.44 -5.24
N PHE A 340 -36.72 36.32 -5.74
CA PHE A 340 -36.46 36.19 -7.16
C PHE A 340 -37.73 36.39 -7.98
N VAL A 341 -38.85 35.87 -7.48
CA VAL A 341 -40.11 35.96 -8.20
C VAL A 341 -40.78 37.33 -8.00
N GLU A 342 -40.53 37.95 -6.86
CA GLU A 342 -41.00 39.32 -6.62
C GLU A 342 -40.24 40.25 -7.54
N ALA A 343 -38.91 40.20 -7.47
CA ALA A 343 -38.06 41.06 -8.28
C ALA A 343 -38.30 40.89 -9.78
N TYR A 344 -38.87 39.75 -10.17
CA TYR A 344 -39.10 39.49 -11.59
C TYR A 344 -40.32 40.25 -12.10
N THR B 14 22.77 28.69 5.20
CA THR B 14 22.24 28.33 3.89
C THR B 14 21.38 27.06 3.94
N GLU B 15 20.49 26.91 2.96
CA GLU B 15 19.60 25.75 2.86
C GLU B 15 20.37 24.44 2.99
N GLU B 16 21.59 24.42 2.44
CA GLU B 16 22.46 23.24 2.50
C GLU B 16 23.06 23.00 3.88
N ASP B 17 23.48 24.07 4.56
CA ASP B 17 23.89 23.98 5.94
C ASP B 17 22.71 23.42 6.72
N ASN B 18 21.53 23.95 6.42
CA ASN B 18 20.33 23.52 7.08
C ASN B 18 20.05 22.02 6.87
N ILE B 19 20.35 21.48 5.69
CA ILE B 19 20.14 20.05 5.43
C ILE B 19 21.12 19.20 6.23
N SER B 20 22.37 19.60 6.21
CA SER B 20 23.42 18.94 6.96
C SER B 20 23.11 18.95 8.47
N GLN B 21 22.60 20.07 8.97
CA GLN B 21 22.15 20.21 10.35
CA GLN B 21 22.20 20.14 10.36
C GLN B 21 21.02 19.21 10.61
N LEU B 22 20.17 19.04 9.60
CA LEU B 22 19.05 18.13 9.73
C LEU B 22 19.56 16.70 9.93
N TRP B 23 20.45 16.28 9.05
CA TRP B 23 21.09 14.98 9.18
C TRP B 23 21.78 14.81 10.52
N GLY B 24 22.37 15.91 11.02
CA GLY B 24 23.02 15.88 12.32
C GLY B 24 22.07 15.50 13.45
N LEU B 25 20.86 16.05 13.42
CA LEU B 25 19.84 15.69 14.39
C LEU B 25 19.52 14.20 14.31
N TYR B 26 19.41 13.65 13.09
CA TYR B 26 19.08 12.23 12.96
C TYR B 26 20.24 11.35 13.43
N GLU B 27 21.46 11.75 13.08
CA GLU B 27 22.64 10.98 13.46
C GLU B 27 22.76 10.91 14.99
N MSE B 28 22.44 12.01 15.65
CA MSE B 28 22.49 12.10 17.11
C MSE B 28 21.47 11.16 17.71
O MSE B 28 21.77 10.43 18.65
CB MSE B 28 22.21 13.53 17.60
CG MSE B 28 23.24 14.56 17.24
SE MSE B 28 22.98 16.22 18.30
CE MSE B 28 22.88 17.51 16.84
N SER B 29 20.26 11.15 17.15
CA SER B 29 19.24 10.23 17.62
C SER B 29 19.73 8.79 17.60
N ARG B 30 20.54 8.44 16.60
CA ARG B 30 21.06 7.08 16.49
C ARG B 30 22.16 6.84 17.52
N GLU B 31 22.93 7.88 17.83
CA GLU B 31 23.92 7.82 18.92
C GLU B 31 23.23 7.51 20.25
N LYS B 32 22.14 8.21 20.53
CA LYS B 32 21.36 7.98 21.74
C LYS B 32 20.72 6.59 21.80
N LEU B 33 20.19 6.12 20.69
CA LEU B 33 19.59 4.78 20.65
C LEU B 33 20.66 3.73 20.94
N GLU B 34 21.81 3.87 20.29
CA GLU B 34 22.95 2.98 20.53
C GLU B 34 23.37 2.96 21.99
N ASN B 35 23.17 4.06 22.71
CA ASN B 35 23.51 4.11 24.12
C ASN B 35 22.31 3.89 25.04
N ASP B 36 21.28 3.26 24.48
CA ASP B 36 20.12 2.81 25.25
C ASP B 36 19.30 3.92 25.90
N ASP B 37 19.36 5.12 25.33
CA ASP B 37 18.52 6.21 25.82
C ASP B 37 17.43 6.51 24.80
N ILE B 38 16.41 5.67 24.80
CA ILE B 38 15.34 5.73 23.82
C ILE B 38 14.47 6.99 23.91
N ASP B 39 14.26 7.51 25.12
CA ASP B 39 13.49 8.73 25.30
C ASP B 39 14.16 9.87 24.56
N ALA B 40 15.48 9.96 24.71
CA ALA B 40 16.24 11.02 24.07
C ALA B 40 16.29 10.82 22.55
N SER B 41 16.37 9.56 22.11
CA SER B 41 16.38 9.27 20.67
C SER B 41 15.07 9.76 20.08
N VAL B 42 13.98 9.50 20.78
CA VAL B 42 12.66 9.91 20.32
C VAL B 42 12.56 11.44 20.23
N SER B 43 13.09 12.14 21.23
CA SER B 43 13.10 13.61 21.19
C SER B 43 13.85 14.08 19.95
N LEU B 44 14.99 13.46 19.68
CA LEU B 44 15.79 13.90 18.55
C LEU B 44 15.09 13.59 17.22
N VAL B 45 14.35 12.49 17.17
CA VAL B 45 13.66 12.09 15.95
C VAL B 45 12.53 13.05 15.63
N PHE B 46 11.68 13.30 16.61
CA PHE B 46 10.63 14.30 16.46
C PHE B 46 11.19 15.69 16.16
N GLY B 47 12.33 16.03 16.78
CA GLY B 47 12.97 17.32 16.52
C GLY B 47 13.41 17.40 15.06
N THR B 48 13.90 16.28 14.53
CA THR B 48 14.28 16.17 13.12
C THR B 48 13.09 16.40 12.22
N ILE B 49 11.96 15.78 12.56
CA ILE B 49 10.74 15.99 11.77
C ILE B 49 10.30 17.47 11.77
N HIS B 50 10.26 18.09 12.96
CA HIS B 50 9.86 19.50 13.08
C HIS B 50 10.78 20.40 12.26
N GLU B 51 12.08 20.13 12.33
CA GLU B 51 13.04 20.93 11.60
C GLU B 51 12.81 20.76 10.09
N ALA B 52 12.47 19.54 9.68
CA ALA B 52 12.21 19.27 8.26
C ALA B 52 11.02 20.08 7.79
N ASP B 53 9.96 20.09 8.58
CA ASP B 53 8.78 20.91 8.30
C ASP B 53 9.09 22.40 8.26
N ARG B 54 9.98 22.85 9.14
CA ARG B 54 10.39 24.26 9.15
C ARG B 54 11.10 24.61 7.85
N ILE B 55 12.03 23.75 7.43
CA ILE B 55 12.68 23.91 6.14
C ILE B 55 11.69 23.97 4.98
N LEU B 56 10.74 23.03 4.95
CA LEU B 56 9.70 23.06 3.92
C LEU B 56 8.92 24.38 3.91
N ARG B 57 8.63 24.93 5.09
CA ARG B 57 7.85 26.16 5.20
C ARG B 57 8.66 27.34 4.71
N ASN B 58 9.95 27.32 4.99
CA ASN B 58 10.81 28.47 4.72
C ASN B 58 11.57 28.43 3.39
N THR B 59 11.18 27.52 2.51
CA THR B 59 11.82 27.40 1.21
C THR B 59 10.95 27.99 0.10
N GLU B 60 11.55 28.86 -0.70
CA GLU B 60 10.85 29.51 -1.81
C GLU B 60 10.22 28.48 -2.74
N ASP B 61 11.01 27.51 -3.17
CA ASP B 61 10.60 26.51 -4.15
C ASP B 61 10.98 25.12 -3.64
N ILE B 62 9.99 24.36 -3.17
CA ILE B 62 10.30 23.11 -2.48
C ILE B 62 10.81 22.05 -3.45
N SER B 63 10.62 22.25 -4.74
CA SER B 63 11.14 21.30 -5.70
C SER B 63 12.66 21.40 -5.78
N THR B 64 13.25 22.45 -5.21
CA THR B 64 14.71 22.59 -5.24
C THR B 64 15.40 21.86 -4.09
N LEU B 65 14.65 21.45 -3.08
CA LEU B 65 15.26 20.72 -1.97
C LEU B 65 15.81 19.39 -2.50
N PRO B 66 17.05 19.04 -2.10
CA PRO B 66 17.73 17.86 -2.66
C PRO B 66 17.21 16.54 -2.10
N LYS B 67 17.62 15.46 -2.76
CA LYS B 67 17.27 14.11 -2.34
C LYS B 67 17.61 13.86 -0.86
N ASP B 68 18.78 14.35 -0.43
CA ASP B 68 19.23 14.17 0.94
C ASP B 68 18.28 14.78 1.98
N PHE B 69 17.53 15.81 1.60
CA PHE B 69 16.51 16.37 2.49
C PHE B 69 15.41 15.33 2.73
N HIS B 70 14.87 14.81 1.65
CA HIS B 70 13.76 13.85 1.74
C HIS B 70 14.24 12.58 2.43
N ALA B 71 15.50 12.21 2.15
CA ALA B 71 16.11 11.04 2.75
C ALA B 71 16.20 11.16 4.26
N ALA B 72 16.63 12.32 4.74
CA ALA B 72 16.77 12.54 6.18
C ALA B 72 15.38 12.52 6.84
N TYR B 73 14.40 13.16 6.19
CA TYR B 73 13.05 13.26 6.71
C TYR B 73 12.42 11.85 6.74
N SER B 74 12.60 11.10 5.66
CA SER B 74 12.11 9.72 5.59
C SER B 74 12.70 8.85 6.70
N SER B 75 14.01 9.00 6.95
CA SER B 75 14.67 8.27 8.02
C SER B 75 14.08 8.60 9.40
N ALA B 76 13.86 9.88 9.67
CA ALA B 76 13.26 10.27 10.95
C ALA B 76 11.89 9.61 11.10
N LEU B 77 11.07 9.69 10.06
CA LEU B 77 9.74 9.04 10.08
C LEU B 77 9.84 7.54 10.38
N LEU B 78 10.81 6.88 9.76
CA LEU B 78 10.98 5.45 9.96
C LEU B 78 11.45 5.12 11.39
N ALA B 79 12.20 6.04 11.96
CA ALA B 79 12.71 5.84 13.32
C ALA B 79 11.56 5.96 14.31
N VAL B 80 10.56 6.80 13.99
CA VAL B 80 9.36 6.89 14.85
C VAL B 80 8.68 5.52 14.86
N SER B 81 8.57 4.91 13.68
CA SER B 81 7.96 3.59 13.57
C SER B 81 8.79 2.58 14.37
N GLU B 82 10.12 2.65 14.25
CA GLU B 82 11.01 1.76 14.98
C GLU B 82 10.85 1.89 16.51
N LEU B 83 10.69 3.11 16.98
CA LEU B 83 10.60 3.37 18.42
C LEU B 83 9.18 3.64 18.88
N PHE B 84 8.21 3.12 18.13
CA PHE B 84 6.82 3.51 18.32
C PHE B 84 6.27 3.22 19.71
N GLU B 85 6.73 2.14 20.32
CA GLU B 85 6.27 1.81 21.66
C GLU B 85 6.41 3.00 22.62
N ILE B 86 7.57 3.65 22.57
CA ILE B 86 7.83 4.85 23.36
C ILE B 86 7.28 6.12 22.70
N ALA B 87 7.46 6.24 21.38
CA ALA B 87 7.12 7.46 20.66
C ALA B 87 5.63 7.72 20.67
N GLN B 88 4.83 6.65 20.67
CA GLN B 88 3.39 6.80 20.58
C GLN B 88 2.82 7.61 21.76
N LYS B 89 3.49 7.55 22.90
CA LYS B 89 3.04 8.28 24.08
C LYS B 89 2.96 9.78 23.83
N ARG B 90 3.67 10.26 22.82
CA ARG B 90 3.69 11.69 22.51
C ARG B 90 2.71 12.09 21.42
N LEU B 91 1.90 11.14 20.96
CA LEU B 91 1.04 11.33 19.80
C LEU B 91 -0.44 11.07 20.10
N LYS B 92 -1.33 11.70 19.33
CA LYS B 92 -2.75 11.37 19.40
C LYS B 92 -2.94 9.86 19.22
N GLU B 93 -4.08 9.35 19.66
CA GLU B 93 -4.29 7.90 19.74
C GLU B 93 -4.48 7.24 18.36
N THR B 94 -4.87 8.03 17.37
CA THR B 94 -5.13 7.50 16.02
C THR B 94 -3.89 6.89 15.34
N ASN B 95 -2.71 7.19 15.85
CA ASN B 95 -1.48 6.86 15.14
C ASN B 95 -1.01 5.41 15.26
N THR B 96 -0.36 4.91 14.23
CA THR B 96 0.19 3.56 14.27
C THR B 96 1.61 3.49 13.75
N GLU B 97 2.34 2.47 14.19
CA GLU B 97 3.67 2.17 13.68
C GLU B 97 3.64 2.05 12.15
N GLU B 98 2.67 1.30 11.62
CA GLU B 98 2.64 1.05 10.18
C GLU B 98 2.45 2.36 9.42
N SER B 99 1.66 3.26 9.98
CA SER B 99 1.43 4.53 9.32
C SER B 99 2.70 5.36 9.20
N TYR B 100 3.59 5.23 10.18
CA TYR B 100 4.88 5.92 10.10
C TYR B 100 5.81 5.30 9.07
N ILE B 101 5.74 3.97 8.91
CA ILE B 101 6.44 3.30 7.80
C ILE B 101 5.91 3.79 6.44
N ASP B 102 4.58 3.89 6.32
CA ASP B 102 3.94 4.36 5.09
C ASP B 102 4.42 5.77 4.77
N ALA B 103 4.50 6.61 5.79
CA ALA B 103 4.95 7.99 5.59
C ALA B 103 6.42 8.04 5.16
N ALA B 104 7.25 7.19 5.78
CA ALA B 104 8.68 7.15 5.46
C ALA B 104 8.87 6.81 3.98
N ILE B 105 8.07 5.84 3.51
CA ILE B 105 8.07 5.44 2.10
C ILE B 105 7.65 6.58 1.21
N GLU B 106 6.52 7.19 1.56
CA GLU B 106 5.97 8.28 0.78
C GLU B 106 6.90 9.49 0.73
N ARG B 107 7.46 9.86 1.89
CA ARG B 107 8.44 10.95 1.96
C ARG B 107 9.66 10.65 1.07
N ALA B 108 10.19 9.42 1.14
CA ALA B 108 11.36 9.04 0.37
C ALA B 108 11.05 9.04 -1.13
N GLN B 109 9.87 8.55 -1.50
CA GLN B 109 9.47 8.55 -2.90
C GLN B 109 9.35 9.96 -3.49
N LEU B 110 8.98 10.93 -2.66
CA LEU B 110 8.93 12.32 -3.08
C LEU B 110 10.33 12.84 -3.44
N GLY B 111 11.36 12.22 -2.89
CA GLY B 111 12.73 12.59 -3.20
C GLY B 111 13.17 12.16 -4.60
N LEU B 112 12.46 11.21 -5.19
CA LEU B 112 12.88 10.65 -6.50
C LEU B 112 12.98 11.70 -7.63
N ASP B 113 12.16 12.75 -7.54
CA ASP B 113 12.19 13.83 -8.52
C ASP B 113 13.14 14.98 -8.13
N ALA B 114 13.63 14.97 -6.89
CA ALA B 114 14.48 16.06 -6.40
C ALA B 114 15.88 15.97 -7.01
N PRO B 115 16.60 17.09 -7.07
CA PRO B 115 17.98 17.07 -7.58
C PRO B 115 18.96 16.52 -6.54
N GLY B 116 20.14 16.11 -6.98
CA GLY B 116 21.24 15.79 -6.09
C GLY B 116 21.59 14.32 -6.02
N ASN B 117 22.64 14.01 -5.28
CA ASN B 117 23.09 12.62 -5.12
C ASN B 117 21.99 11.74 -4.49
N GLU B 118 21.85 10.51 -4.99
CA GLU B 118 20.74 9.63 -4.60
C GLU B 118 21.04 8.62 -3.50
N SER B 119 22.31 8.51 -3.10
CA SER B 119 22.73 7.41 -2.23
C SER B 119 21.93 7.29 -0.92
N ARG B 120 21.80 8.39 -0.19
CA ARG B 120 21.03 8.37 1.05
C ARG B 120 19.55 8.06 0.81
N LEU B 121 18.97 8.63 -0.25
CA LEU B 121 17.57 8.38 -0.57
C LEU B 121 17.32 6.90 -0.87
N PHE B 122 18.18 6.31 -1.69
CA PHE B 122 18.07 4.90 -2.03
C PHE B 122 18.11 4.04 -0.77
N LEU B 123 19.00 4.40 0.15
CA LEU B 123 19.09 3.66 1.40
C LEU B 123 17.82 3.85 2.23
N ALA B 124 17.32 5.09 2.31
CA ALA B 124 16.07 5.36 3.04
C ALA B 124 14.91 4.56 2.46
N LEU B 125 14.85 4.52 1.13
CA LEU B 125 13.80 3.79 0.43
C LEU B 125 13.88 2.32 0.81
N ALA B 126 15.06 1.73 0.64
CA ALA B 126 15.22 0.31 0.91
C ALA B 126 14.84 -0.06 2.37
N ARG B 127 15.33 0.72 3.33
CA ARG B 127 15.00 0.52 4.74
C ARG B 127 13.49 0.52 4.99
N ALA B 128 12.79 1.49 4.42
CA ALA B 128 11.36 1.60 4.65
C ALA B 128 10.56 0.47 3.97
N TYR B 129 10.97 0.04 2.77
CA TYR B 129 10.25 -1.03 2.07
C TYR B 129 10.40 -2.32 2.85
N LEU B 130 11.58 -2.52 3.41
CA LEU B 130 11.84 -3.74 4.16
C LEU B 130 11.09 -3.73 5.49
N GLU B 131 11.05 -2.59 6.18
CA GLU B 131 10.20 -2.54 7.38
C GLU B 131 8.72 -2.78 7.02
N LYS B 132 8.29 -2.35 5.85
CA LYS B 132 6.92 -2.58 5.44
C LYS B 132 6.67 -4.09 5.25
N VAL B 133 7.66 -4.77 4.69
CA VAL B 133 7.60 -6.23 4.52
C VAL B 133 7.39 -6.89 5.90
N ARG B 134 8.19 -6.48 6.89
CA ARG B 134 8.12 -7.09 8.22
C ARG B 134 6.73 -6.93 8.80
N VAL B 135 6.18 -5.74 8.69
CA VAL B 135 4.84 -5.49 9.23
C VAL B 135 3.74 -6.24 8.45
N LEU B 136 3.92 -6.38 7.13
CA LEU B 136 2.93 -7.11 6.34
C LEU B 136 2.88 -8.58 6.76
N VAL B 137 4.04 -9.17 7.02
CA VAL B 137 4.11 -10.55 7.49
C VAL B 137 3.32 -10.71 8.81
N TRP B 138 3.53 -9.77 9.73
CA TRP B 138 2.79 -9.77 10.99
C TRP B 138 1.28 -9.68 10.73
N ARG B 139 0.88 -8.77 9.84
CA ARG B 139 -0.54 -8.60 9.52
C ARG B 139 -1.13 -9.87 8.91
N HIS B 140 -0.39 -10.48 7.98
CA HIS B 140 -0.83 -11.73 7.39
C HIS B 140 -1.15 -12.75 8.49
N ASP B 141 -0.33 -12.77 9.55
CA ASP B 141 -0.48 -13.74 10.63
C ASP B 141 -1.49 -13.35 11.72
N ASN B 142 -1.93 -12.10 11.74
CA ASN B 142 -2.78 -11.64 12.84
C ASN B 142 -4.10 -11.00 12.45
N GLU B 143 -4.20 -10.51 11.21
CA GLU B 143 -5.43 -9.87 10.80
C GLU B 143 -6.27 -10.86 9.98
N GLU B 144 -7.50 -11.07 10.40
CA GLU B 144 -8.39 -12.02 9.73
C GLU B 144 -8.59 -11.71 8.26
N SER B 145 -8.59 -10.42 7.92
CA SER B 145 -8.78 -10.01 6.53
C SER B 145 -7.73 -10.60 5.57
N LEU B 146 -6.51 -10.84 6.07
CA LEU B 146 -5.41 -11.25 5.19
C LEU B 146 -5.07 -12.72 5.32
N ALA B 147 -5.76 -13.41 6.22
CA ALA B 147 -5.56 -14.84 6.45
C ALA B 147 -5.35 -15.65 5.16
N ASN B 148 -6.15 -15.39 4.12
CA ASN B 148 -6.07 -16.21 2.91
C ASN B 148 -5.42 -15.54 1.69
N ILE B 149 -4.63 -14.50 1.94
CA ILE B 149 -3.75 -13.94 0.92
C ILE B 149 -2.34 -14.53 1.13
N PRO B 150 -1.77 -15.19 0.11
CA PRO B 150 -0.43 -15.76 0.31
C PRO B 150 0.57 -14.67 0.69
N VAL B 151 1.45 -14.97 1.63
CA VAL B 151 2.33 -13.94 2.15
C VAL B 151 3.27 -13.40 1.05
N THR B 152 3.74 -14.28 0.17
CA THR B 152 4.60 -13.86 -0.94
C THR B 152 3.87 -12.94 -1.90
N GLN B 153 2.57 -13.18 -2.09
CA GLN B 153 1.74 -12.29 -2.89
C GLN B 153 1.69 -10.91 -2.26
N LEU B 154 1.51 -10.89 -0.95
CA LEU B 154 1.52 -9.66 -0.15
C LEU B 154 2.82 -8.86 -0.22
N VAL B 155 3.95 -9.53 -0.09
CA VAL B 155 5.20 -8.79 0.17
C VAL B 155 6.17 -8.68 -1.01
N ASN B 156 6.06 -9.59 -1.97
CA ASN B 156 6.97 -9.58 -3.12
C ASN B 156 7.16 -8.21 -3.77
N PRO B 157 6.06 -7.42 -3.88
CA PRO B 157 6.23 -6.11 -4.52
C PRO B 157 7.14 -5.17 -3.73
N TYR B 158 7.13 -5.29 -2.41
CA TYR B 158 7.99 -4.47 -1.57
C TYR B 158 9.41 -5.04 -1.52
N ILE B 159 9.53 -6.36 -1.50
CA ILE B 159 10.83 -7.01 -1.62
C ILE B 159 11.53 -6.58 -2.92
N GLU B 160 10.76 -6.49 -3.99
CA GLU B 160 11.35 -6.15 -5.28
C GLU B 160 11.77 -4.68 -5.32
N LYS B 161 10.94 -3.80 -4.75
CA LYS B 161 11.33 -2.40 -4.67
C LYS B 161 12.59 -2.24 -3.82
N ALA B 162 12.69 -2.97 -2.71
CA ALA B 162 13.86 -2.84 -1.85
C ALA B 162 15.12 -3.20 -2.63
N ILE B 163 15.09 -4.34 -3.31
CA ILE B 163 16.22 -4.80 -4.11
C ILE B 163 16.56 -3.78 -5.20
N GLN B 164 15.54 -3.20 -5.80
CA GLN B 164 15.75 -2.16 -6.82
C GLN B 164 16.69 -1.06 -6.31
N TYR B 165 16.48 -0.60 -5.08
CA TYR B 165 17.31 0.50 -4.57
C TYR B 165 18.58 0.05 -3.86
N LEU B 166 18.63 -1.20 -3.39
CA LEU B 166 19.83 -1.74 -2.77
C LEU B 166 20.91 -2.05 -3.81
N ARG B 167 20.48 -2.51 -4.98
CA ARG B 167 21.41 -2.96 -6.02
C ARG B 167 22.46 -1.89 -6.36
N PRO B 168 22.02 -0.67 -6.70
CA PRO B 168 22.95 0.43 -7.01
C PRO B 168 23.94 0.69 -5.88
N LEU B 169 23.47 0.65 -4.63
CA LEU B 169 24.32 0.96 -3.49
C LEU B 169 25.44 -0.05 -3.35
N ALA B 170 25.16 -1.28 -3.76
CA ALA B 170 26.12 -2.38 -3.64
C ALA B 170 27.21 -2.39 -4.73
N GLN B 171 27.13 -1.51 -5.73
CA GLN B 171 28.15 -1.44 -6.79
C GLN B 171 29.41 -0.72 -6.33
N ASP B 172 30.55 -1.12 -6.89
CA ASP B 172 31.81 -0.48 -6.54
C ASP B 172 31.85 0.99 -6.95
N SER B 173 31.03 1.38 -7.90
CA SER B 173 30.95 2.78 -8.31
C SER B 173 30.20 3.68 -7.31
N THR B 174 29.47 3.07 -6.37
CA THR B 174 28.89 3.86 -5.28
C THR B 174 29.89 3.95 -4.12
N GLU B 175 30.46 5.14 -3.94
CA GLU B 175 31.42 5.35 -2.87
C GLU B 175 30.75 5.17 -1.53
N TYR B 176 31.55 4.84 -0.53
CA TYR B 176 31.05 4.83 0.83
C TYR B 176 30.53 6.23 1.17
N PHE B 177 29.39 6.26 1.85
CA PHE B 177 28.86 7.49 2.40
C PHE B 177 28.48 7.17 3.83
N ASP B 178 28.51 8.15 4.71
CA ASP B 178 28.50 7.86 6.14
C ASP B 178 27.13 7.59 6.77
N ALA B 179 26.06 7.64 5.98
CA ALA B 179 24.76 7.17 6.46
C ALA B 179 24.69 5.63 6.38
N LEU B 180 25.60 5.04 5.62
CA LEU B 180 25.62 3.59 5.42
C LEU B 180 26.41 2.92 6.56
N THR B 181 25.75 2.75 7.70
CA THR B 181 26.37 2.17 8.87
C THR B 181 25.79 0.78 9.08
N PRO B 182 26.48 -0.04 9.91
CA PRO B 182 25.92 -1.37 10.20
C PRO B 182 24.51 -1.24 10.78
N ASP B 183 24.31 -0.28 11.68
CA ASP B 183 23.00 -0.01 12.25
C ASP B 183 21.93 0.24 11.17
N SER B 184 22.24 1.08 10.20
CA SER B 184 21.28 1.39 9.16
C SER B 184 20.97 0.17 8.27
N LEU B 185 21.85 -0.83 8.29
CA LEU B 185 21.67 -2.02 7.46
C LEU B 185 20.89 -3.14 8.16
N ARG B 186 20.51 -2.91 9.42
CA ARG B 186 19.73 -3.88 10.18
C ARG B 186 18.47 -4.46 9.46
N PRO B 187 17.73 -3.61 8.72
CA PRO B 187 16.59 -4.17 7.95
C PRO B 187 16.98 -5.20 6.89
N LEU B 188 18.26 -5.29 6.54
CA LEU B 188 18.70 -6.34 5.61
C LEU B 188 18.38 -7.72 6.17
N TYR B 189 18.31 -7.84 7.50
CA TYR B 189 17.97 -9.12 8.12
C TYR B 189 16.58 -9.58 7.70
N ILE B 190 15.70 -8.62 7.44
CA ILE B 190 14.36 -8.93 6.97
C ILE B 190 14.42 -9.58 5.59
N LEU B 191 15.23 -9.00 4.71
CA LEU B 191 15.41 -9.54 3.36
C LEU B 191 16.04 -10.94 3.44
N SER B 192 17.11 -11.06 4.21
CA SER B 192 17.81 -12.34 4.36
C SER B 192 16.86 -13.45 4.78
N SER B 193 16.05 -13.18 5.79
CA SER B 193 15.17 -14.22 6.32
C SER B 193 13.98 -14.50 5.38
N TYR B 194 13.55 -13.49 4.62
CA TYR B 194 12.51 -13.73 3.63
C TYR B 194 13.00 -14.70 2.56
N LEU B 195 14.19 -14.43 2.02
CA LEU B 195 14.81 -15.27 1.01
C LEU B 195 14.99 -16.69 1.54
N PHE B 196 15.39 -16.79 2.80
CA PHE B 196 15.59 -18.08 3.42
C PHE B 196 14.27 -18.81 3.60
N GLN B 197 13.27 -18.09 4.08
CA GLN B 197 12.02 -18.73 4.42
C GLN B 197 11.16 -19.07 3.20
N PHE B 198 11.31 -18.30 2.12
CA PHE B 198 10.52 -18.50 0.92
C PHE B 198 11.41 -18.65 -0.29
N GLY B 199 12.59 -19.22 -0.08
CA GLY B 199 13.60 -19.31 -1.12
C GLY B 199 13.28 -20.30 -2.22
N ASP B 200 12.27 -21.14 -1.99
CA ASP B 200 11.88 -22.16 -2.97
C ASP B 200 11.29 -21.52 -4.22
N GLN B 201 10.65 -20.36 -4.03
CA GLN B 201 10.02 -19.67 -5.14
C GLN B 201 11.06 -19.03 -6.07
N PHE B 202 12.31 -18.99 -5.61
CA PHE B 202 13.36 -18.33 -6.36
C PHE B 202 14.37 -19.30 -6.92
N SER B 203 14.94 -18.95 -8.06
CA SER B 203 16.01 -19.75 -8.63
C SER B 203 17.32 -19.51 -7.87
N GLU B 204 18.26 -20.43 -8.06
CA GLU B 204 19.55 -20.34 -7.41
C GLU B 204 20.32 -19.11 -7.85
N ALA B 205 20.22 -18.77 -9.13
CA ALA B 205 20.90 -17.60 -9.65
C ALA B 205 20.34 -16.31 -9.03
N PHE B 206 19.04 -16.31 -8.75
CA PHE B 206 18.43 -15.15 -8.11
C PHE B 206 18.98 -15.00 -6.69
N LEU B 207 19.00 -16.11 -5.95
CA LEU B 207 19.51 -16.11 -4.58
C LEU B 207 20.97 -15.68 -4.49
N LEU B 208 21.81 -16.21 -5.37
CA LEU B 208 23.21 -15.83 -5.40
C LEU B 208 23.37 -14.34 -5.65
N ASP B 209 22.53 -13.80 -6.51
CA ASP B 209 22.62 -12.39 -6.89
C ASP B 209 22.25 -11.50 -5.71
N VAL B 210 21.06 -11.71 -5.16
CA VAL B 210 20.56 -10.86 -4.08
C VAL B 210 21.41 -11.01 -2.82
N CME B 211 21.80 -12.24 -2.52
CA CME B 211 22.66 -12.48 -1.37
CB CME B 211 22.80 -13.98 -1.04
SG CME B 211 21.19 -14.74 -0.63
SD CME B 211 20.90 -14.63 1.25
CE CME B 211 20.82 -16.32 1.94
CZ CME B 211 19.43 -16.99 2.01
OH CME B 211 19.16 -18.09 1.18
C CME B 211 23.99 -11.76 -1.47
O CME B 211 24.53 -11.37 -0.49
N SER B 212 24.51 -11.61 -2.69
CA SER B 212 25.79 -10.94 -2.86
C SER B 212 25.62 -9.43 -2.77
N ILE B 213 24.42 -8.94 -3.09
CA ILE B 213 24.11 -7.55 -2.80
C ILE B 213 24.15 -7.31 -1.29
N ILE B 214 23.46 -8.18 -0.54
CA ILE B 214 23.38 -8.06 0.93
C ILE B 214 24.77 -8.08 1.55
N THR B 215 25.56 -9.07 1.16
CA THR B 215 26.92 -9.20 1.67
C THR B 215 27.80 -8.00 1.29
N ALA B 216 27.71 -7.57 0.03
CA ALA B 216 28.53 -6.44 -0.42
C ALA B 216 28.24 -5.20 0.42
N LEU B 217 26.99 -5.01 0.79
CA LEU B 217 26.59 -3.84 1.57
C LEU B 217 27.10 -3.88 3.02
N TRP B 218 26.93 -5.01 3.70
CA TRP B 218 27.45 -5.11 5.05
C TRP B 218 28.95 -4.81 5.01
N LEU B 219 29.66 -5.42 4.07
CA LEU B 219 31.12 -5.22 3.96
C LEU B 219 31.48 -3.77 3.68
N LYS B 220 30.75 -3.14 2.77
CA LYS B 220 30.99 -1.75 2.45
C LYS B 220 30.82 -0.82 3.66
N SER B 221 29.86 -1.13 4.51
CA SER B 221 29.56 -0.26 5.66
C SER B 221 30.73 -0.15 6.64
N VAL B 222 31.67 -1.08 6.56
CA VAL B 222 32.80 -1.09 7.48
C VAL B 222 34.12 -1.25 6.74
N VAL B 223 34.12 -0.90 5.46
CA VAL B 223 35.29 -1.08 4.62
C VAL B 223 36.47 -0.17 5.02
N ASP B 224 36.16 1.03 5.50
CA ASP B 224 37.20 1.90 6.04
C ASP B 224 37.97 1.18 7.14
N PRO B 225 39.27 0.93 6.92
CA PRO B 225 40.11 0.23 7.89
C PRO B 225 40.02 0.80 9.31
N ASN B 226 39.74 2.10 9.40
CA ASN B 226 39.72 2.79 10.69
C ASN B 226 38.38 2.71 11.40
N THR B 227 37.42 2.03 10.78
CA THR B 227 36.17 1.72 11.47
C THR B 227 36.51 1.00 12.76
N PRO B 228 35.97 1.49 13.86
CA PRO B 228 36.13 0.84 15.17
C PRO B 228 35.68 -0.62 15.10
N ALA B 229 36.37 -1.48 15.86
CA ALA B 229 36.10 -2.91 15.86
C ALA B 229 34.64 -3.22 16.20
N TYR B 230 34.09 -2.46 17.13
CA TYR B 230 32.69 -2.61 17.53
C TYR B 230 31.76 -2.65 16.31
N TYR B 231 32.03 -1.81 15.32
CA TYR B 231 31.15 -1.75 14.16
C TYR B 231 31.50 -2.81 13.12
N LYS B 232 32.78 -3.11 12.98
CA LYS B 232 33.20 -4.20 12.11
C LYS B 232 32.56 -5.51 12.56
N LEU B 233 32.42 -5.70 13.87
CA LEU B 233 31.80 -6.90 14.40
C LEU B 233 30.37 -7.06 13.95
N ILE B 234 29.59 -5.99 14.07
CA ILE B 234 28.19 -6.04 13.66
C ILE B 234 28.08 -6.47 12.19
N ALA B 235 28.87 -5.83 11.33
CA ALA B 235 28.85 -6.15 9.91
C ALA B 235 29.34 -7.58 9.66
N GLN B 236 30.43 -7.98 10.30
CA GLN B 236 30.99 -9.30 10.03
C GLN B 236 30.09 -10.42 10.55
N GLU B 237 29.40 -10.17 11.67
CA GLU B 237 28.43 -11.14 12.18
C GLU B 237 27.31 -11.38 11.18
N ALA B 238 26.86 -10.32 10.51
CA ALA B 238 25.77 -10.47 9.54
C ALA B 238 26.28 -11.18 8.28
N VAL B 239 27.52 -10.88 7.87
CA VAL B 239 28.11 -11.59 6.74
C VAL B 239 28.18 -13.07 7.07
N LEU B 240 28.66 -13.40 8.26
CA LEU B 240 28.76 -14.80 8.66
C LEU B 240 27.38 -15.47 8.65
N ASN B 241 26.34 -14.77 9.13
CA ASN B 241 24.99 -15.34 9.10
C ASN B 241 24.54 -15.67 7.68
N ASN B 242 24.83 -14.76 6.74
CA ASN B 242 24.50 -15.00 5.34
CA ASN B 242 24.56 -14.97 5.32
C ASN B 242 25.26 -16.21 4.74
N TYR B 243 26.56 -16.33 5.00
CA TYR B 243 27.28 -17.50 4.51
C TYR B 243 26.75 -18.84 5.05
N THR B 244 26.47 -18.89 6.36
CA THR B 244 26.03 -20.12 6.98
C THR B 244 24.62 -20.47 6.52
N THR B 245 23.81 -19.44 6.28
CA THR B 245 22.46 -19.67 5.79
C THR B 245 22.48 -20.21 4.37
N PHE B 246 23.42 -19.72 3.57
CA PHE B 246 23.55 -20.19 2.19
C PHE B 246 24.02 -21.64 2.19
N ALA B 247 25.03 -21.94 3.02
CA ALA B 247 25.48 -23.32 3.15
C ALA B 247 24.31 -24.22 3.54
N GLU B 248 23.52 -23.73 4.50
CA GLU B 248 22.36 -24.46 4.98
C GLU B 248 21.35 -24.73 3.86
N TYR B 249 21.29 -23.82 2.89
CA TYR B 249 20.38 -23.93 1.75
C TYR B 249 20.74 -25.14 0.91
N TYR B 250 22.05 -25.31 0.67
CA TYR B 250 22.53 -26.44 -0.11
C TYR B 250 22.45 -27.78 0.63
N MSE B 251 22.74 -27.75 1.93
CA MSE B 251 22.65 -28.96 2.72
C MSE B 251 21.22 -29.49 2.77
O MSE B 251 20.98 -30.70 2.78
CB MSE B 251 23.19 -28.72 4.12
CG MSE B 251 24.68 -28.38 4.12
SE MSE B 251 25.45 -28.10 5.91
CE MSE B 251 24.42 -26.56 6.53
N ASP B 252 20.25 -28.57 2.77
CA ASP B 252 18.85 -28.96 2.74
C ASP B 252 18.48 -29.67 1.45
N LEU B 253 19.03 -29.19 0.35
CA LEU B 253 18.82 -29.84 -0.94
C LEU B 253 19.38 -31.26 -0.92
N LEU B 254 20.53 -31.43 -0.28
CA LEU B 254 21.15 -32.74 -0.15
C LEU B 254 20.17 -33.71 0.48
N ASP B 255 19.68 -33.34 1.66
CA ASP B 255 18.76 -34.18 2.42
C ASP B 255 17.59 -34.70 1.56
N ASN B 256 17.33 -34.04 0.45
CA ASN B 256 16.17 -34.36 -0.39
C ASN B 256 16.47 -34.34 -1.88
N VAL B 261 24.83 -34.91 -6.63
CA VAL B 261 25.00 -34.30 -5.31
C VAL B 261 26.45 -33.86 -5.08
N ASP B 262 27.33 -34.15 -6.03
CA ASP B 262 28.70 -33.67 -5.96
C ASP B 262 28.68 -32.15 -6.06
N ASP B 263 27.74 -31.64 -6.86
CA ASP B 263 27.56 -30.21 -7.06
C ASP B 263 27.12 -29.55 -5.76
N LEU B 264 26.16 -30.17 -5.08
CA LEU B 264 25.63 -29.67 -3.82
C LEU B 264 26.66 -29.64 -2.68
N ILE B 265 27.46 -30.69 -2.59
CA ILE B 265 28.49 -30.76 -1.56
C ILE B 265 29.59 -29.73 -1.80
N ASN B 266 29.95 -29.53 -3.07
CA ASN B 266 30.97 -28.56 -3.41
C ASN B 266 30.57 -27.13 -3.09
N LYS B 267 29.31 -26.80 -3.35
CA LYS B 267 28.82 -25.45 -3.11
C LYS B 267 28.71 -25.22 -1.61
N ALA B 268 28.01 -26.12 -0.93
CA ALA B 268 27.85 -26.04 0.53
C ALA B 268 29.19 -25.96 1.26
N SER B 269 30.16 -26.74 0.79
CA SER B 269 31.48 -26.74 1.42
C SER B 269 32.18 -25.41 1.22
N SER B 270 31.99 -24.83 0.05
CA SER B 270 32.58 -23.55 -0.28
C SER B 270 32.04 -22.44 0.64
N TRP B 271 30.73 -22.45 0.85
CA TRP B 271 30.10 -21.49 1.77
C TRP B 271 30.50 -21.68 3.23
N LEU B 272 30.52 -22.94 3.67
CA LEU B 272 31.02 -23.25 5.01
C LEU B 272 32.45 -22.77 5.19
N ASN B 273 33.27 -22.92 4.15
CA ASN B 273 34.64 -22.44 4.21
C ASN B 273 34.74 -20.90 4.19
N ASN B 274 33.80 -20.26 3.49
CA ASN B 274 33.68 -18.81 3.62
C ASN B 274 33.31 -18.40 5.05
N SER B 275 32.47 -19.23 5.70
CA SER B 275 32.06 -19.00 7.07
C SER B 275 33.25 -19.05 8.02
N VAL B 276 34.10 -20.05 7.83
CA VAL B 276 35.30 -20.21 8.65
C VAL B 276 36.20 -18.98 8.53
N ASP B 277 36.43 -18.53 7.30
CA ASP B 277 37.27 -17.35 7.10
C ASP B 277 36.69 -16.12 7.80
N THR B 278 35.38 -15.92 7.66
CA THR B 278 34.74 -14.77 8.27
C THR B 278 34.74 -14.92 9.78
N TRP B 279 34.56 -16.16 10.25
CA TRP B 279 34.58 -16.42 11.67
C TRP B 279 35.93 -16.05 12.24
N ASN B 280 36.99 -16.39 11.51
CA ASN B 280 38.32 -16.02 11.92
C ASN B 280 38.51 -14.50 11.99
N VAL B 281 37.85 -13.77 11.11
CA VAL B 281 37.90 -12.31 11.17
C VAL B 281 37.22 -11.82 12.44
N ILE B 282 36.02 -12.35 12.69
CA ILE B 282 35.26 -12.02 13.90
C ILE B 282 36.07 -12.33 15.16
N TYR B 283 36.73 -13.48 15.16
CA TYR B 283 37.49 -13.91 16.32
C TYR B 283 38.68 -13.02 16.60
N THR B 284 39.32 -12.52 15.55
CA THR B 284 40.39 -11.53 15.72
C THR B 284 39.87 -10.21 16.28
N LEU B 285 38.64 -9.86 15.92
CA LEU B 285 38.03 -8.60 16.38
C LEU B 285 37.54 -8.69 17.83
N ASP B 286 36.96 -9.83 18.19
CA ASP B 286 36.45 -10.04 19.54
C ASP B 286 36.80 -11.46 20.00
N LYS B 287 38.04 -11.64 20.46
CA LYS B 287 38.49 -12.93 20.96
C LYS B 287 37.75 -13.30 22.24
N SER B 288 36.78 -14.19 22.14
CA SER B 288 35.96 -14.55 23.27
C SER B 288 35.62 -16.02 23.14
N PRO B 289 35.84 -16.77 24.22
CA PRO B 289 35.79 -18.24 24.27
C PRO B 289 34.53 -18.86 23.68
N GLU B 290 33.36 -18.28 23.96
CA GLU B 290 32.12 -18.90 23.48
C GLU B 290 32.00 -18.87 21.95
N ARG B 291 32.77 -18.01 21.29
CA ARG B 291 32.78 -18.00 19.82
C ARG B 291 33.31 -19.31 19.23
N LEU B 292 34.18 -19.98 19.99
CA LEU B 292 34.75 -21.24 19.55
C LEU B 292 33.67 -22.27 19.29
N LEU B 293 32.56 -22.17 20.02
CA LEU B 293 31.45 -23.11 19.82
C LEU B 293 30.84 -22.92 18.44
N LYS B 294 30.89 -21.70 17.93
CA LYS B 294 30.37 -21.41 16.59
C LYS B 294 31.29 -22.02 15.55
N LEU B 295 32.60 -21.87 15.75
CA LEU B 295 33.58 -22.50 14.87
C LEU B 295 33.33 -23.99 14.81
N ALA B 296 33.12 -24.61 15.97
CA ALA B 296 32.89 -26.05 16.03
C ALA B 296 31.67 -26.46 15.22
N ASP B 297 30.58 -25.69 15.33
CA ASP B 297 29.38 -25.95 14.54
C ASP B 297 29.67 -26.00 13.02
N ILE B 298 30.47 -25.04 12.55
CA ILE B 298 30.80 -24.98 11.15
C ILE B 298 31.61 -26.22 10.75
N LYS B 299 32.60 -26.56 11.57
CA LYS B 299 33.45 -27.72 11.29
C LYS B 299 32.65 -29.03 11.30
N MSE B 300 31.65 -29.12 12.17
CA MSE B 300 30.79 -30.31 12.23
C MSE B 300 29.90 -30.42 10.99
O MSE B 300 29.63 -31.53 10.53
CB MSE B 300 29.96 -30.31 13.51
CG MSE B 300 30.80 -30.43 14.77
SE MSE B 300 29.80 -30.35 16.47
CE MSE B 300 29.67 -28.43 16.74
N ASP B 301 29.45 -29.28 10.49
CA ASP B 301 28.69 -29.28 9.23
C ASP B 301 29.59 -29.74 8.07
N LEU B 302 30.84 -29.26 8.05
CA LEU B 302 31.80 -29.69 7.02
C LEU B 302 32.04 -31.19 7.16
N ALA B 303 32.15 -31.67 8.40
CA ALA B 303 32.39 -33.08 8.65
C ALA B 303 31.22 -33.94 8.18
N GLN B 304 30.01 -33.41 8.32
CA GLN B 304 28.82 -34.17 7.98
C GLN B 304 28.73 -34.47 6.48
N ILE B 305 29.13 -33.50 5.65
CA ILE B 305 28.89 -33.63 4.23
C ILE B 305 30.10 -34.02 3.40
N VAL B 306 31.29 -33.87 3.94
CA VAL B 306 32.49 -34.06 3.11
C VAL B 306 32.60 -35.52 2.64
N GLN B 307 33.23 -35.72 1.48
CA GLN B 307 33.23 -37.02 0.81
C GLN B 307 34.58 -37.74 0.84
N ASP B 308 35.41 -37.39 1.80
CA ASP B 308 36.64 -38.15 2.04
C ASP B 308 37.00 -38.14 3.52
N GLU B 309 37.35 -39.32 4.02
CA GLU B 309 37.57 -39.55 5.44
C GLU B 309 38.70 -38.72 6.04
N ALA B 310 39.75 -38.51 5.25
CA ALA B 310 40.90 -37.77 5.74
C ALA B 310 40.50 -36.36 6.13
N SER B 311 39.70 -35.73 5.27
CA SER B 311 39.20 -34.39 5.53
C SER B 311 38.19 -34.42 6.69
N GLN B 312 37.33 -35.42 6.69
CA GLN B 312 36.32 -35.54 7.73
C GLN B 312 36.98 -35.61 9.10
N ASP B 313 38.05 -36.41 9.19
CA ASP B 313 38.80 -36.56 10.43
C ASP B 313 39.37 -35.23 10.90
N ASN B 314 39.96 -34.49 9.98
CA ASN B 314 40.45 -33.13 10.28
C ASN B 314 39.35 -32.26 10.88
N TYR B 315 38.21 -32.18 10.19
CA TYR B 315 37.08 -31.38 10.64
C TYR B 315 36.66 -31.75 12.07
N LEU B 316 36.40 -33.04 12.27
CA LEU B 316 35.96 -33.53 13.56
C LEU B 316 36.98 -33.22 14.64
N LYS B 317 38.25 -33.30 14.28
CA LYS B 317 39.28 -33.01 15.26
C LYS B 317 39.30 -31.53 15.60
N GLU B 318 39.13 -30.69 14.59
CA GLU B 318 39.10 -29.25 14.82
C GLU B 318 37.91 -28.87 15.70
N ALA B 319 36.75 -29.46 15.43
CA ALA B 319 35.56 -29.18 16.22
C ALA B 319 35.80 -29.61 17.66
N CYS B 320 36.47 -30.75 17.85
CA CYS B 320 36.75 -31.24 19.19
C CYS B 320 37.67 -30.29 19.95
N ASN B 321 38.77 -29.91 19.31
CA ASN B 321 39.70 -28.96 19.90
C ASN B 321 39.04 -27.64 20.32
N ALA B 322 38.17 -27.13 19.46
CA ALA B 322 37.50 -25.86 19.73
C ALA B 322 36.58 -25.97 20.94
N ILE B 323 35.83 -27.07 21.00
CA ILE B 323 34.89 -27.31 22.08
C ILE B 323 35.63 -27.43 23.43
N LYS B 324 36.70 -28.23 23.46
CA LYS B 324 37.53 -28.39 24.66
C LYS B 324 38.11 -27.07 25.11
N GLU B 325 38.68 -26.33 24.17
CA GLU B 325 39.25 -25.03 24.52
C GLU B 325 38.18 -24.10 25.08
N ALA B 326 37.00 -24.13 24.49
CA ALA B 326 35.90 -23.31 24.98
C ALA B 326 35.67 -23.66 26.44
N GLN B 327 35.34 -24.94 26.69
CA GLN B 327 35.10 -25.40 28.04
C GLN B 327 36.27 -25.06 28.95
N GLY B 328 37.49 -25.23 28.43
CA GLY B 328 38.69 -24.92 29.18
C GLY B 328 38.76 -23.45 29.55
N SER B 329 38.04 -22.62 28.81
CA SER B 329 38.00 -21.19 29.11
C SER B 329 36.74 -20.77 29.87
N GLY B 330 36.03 -21.72 30.44
CA GLY B 330 34.94 -21.37 31.33
C GLY B 330 33.57 -21.32 30.68
N VAL B 331 33.50 -21.64 29.40
CA VAL B 331 32.23 -21.68 28.70
C VAL B 331 31.45 -22.94 29.08
N GLU B 332 30.15 -22.77 29.34
CA GLU B 332 29.32 -23.91 29.71
C GLU B 332 28.89 -24.69 28.47
N LEU B 333 29.21 -25.98 28.43
CA LEU B 333 28.83 -26.80 27.28
C LEU B 333 27.44 -27.37 27.45
N SER B 334 26.64 -27.28 26.39
CA SER B 334 25.37 -27.99 26.34
C SER B 334 25.67 -29.48 26.33
N PRO B 335 24.71 -30.30 26.79
CA PRO B 335 24.81 -31.76 26.72
C PRO B 335 25.31 -32.28 25.36
N ASP B 336 24.86 -31.68 24.27
CA ASP B 336 25.27 -32.13 22.95
C ASP B 336 26.76 -31.95 22.68
N TYR B 337 27.30 -30.79 23.02
CA TYR B 337 28.71 -30.55 22.86
C TYR B 337 29.50 -31.49 23.75
N VAL B 338 28.92 -31.79 24.92
CA VAL B 338 29.57 -32.66 25.89
C VAL B 338 29.70 -34.10 25.41
N GLU B 339 28.64 -34.64 24.82
CA GLU B 339 28.66 -36.01 24.33
C GLU B 339 29.51 -36.11 23.07
N PHE B 340 29.50 -35.06 22.27
CA PHE B 340 30.30 -35.05 21.05
C PHE B 340 31.77 -35.29 21.34
N VAL B 341 32.30 -34.59 22.34
CA VAL B 341 33.72 -34.71 22.68
C VAL B 341 34.00 -36.04 23.39
N GLU B 342 33.02 -36.51 24.15
CA GLU B 342 33.13 -37.81 24.79
C GLU B 342 33.16 -38.91 23.72
N ALA B 343 32.43 -38.70 22.64
CA ALA B 343 32.45 -39.63 21.51
C ALA B 343 33.82 -39.67 20.82
N TYR B 344 34.31 -38.49 20.42
CA TYR B 344 35.63 -38.39 19.80
C TYR B 344 36.67 -38.92 20.78
N SER B 345 36.37 -38.76 22.06
CA SER B 345 37.27 -39.09 23.17
C SER B 345 38.60 -38.33 23.08
S SO4 C . -14.70 -28.66 4.14
O1 SO4 C . -13.53 -28.38 3.31
O2 SO4 C . -15.93 -28.45 3.37
O3 SO4 C . -14.68 -30.06 4.58
O4 SO4 C . -14.69 -27.79 5.32
CL CL D . -41.14 0.48 -12.02
C1 EDO E . -21.73 -15.52 -12.56
O1 EDO E . -21.00 -16.27 -11.57
C2 EDO E . -23.22 -15.57 -12.21
O2 EDO E . -23.40 -15.17 -10.85
S SO4 F . 8.63 29.49 11.33
O1 SO4 F . 8.82 29.04 9.95
O2 SO4 F . 7.72 30.63 11.33
O3 SO4 F . 8.03 28.41 12.13
O4 SO4 F . 9.92 29.88 11.90
CL CL G . 38.95 0.04 18.02
C1 EDO H . 29.69 11.69 3.05
O1 EDO H . 29.69 10.48 3.81
C2 EDO H . 29.70 11.38 1.55
O2 EDO H . 28.35 11.30 1.06
C1 EDO I . -15.88 -14.66 10.64
O1 EDO I . -14.85 -14.86 11.63
C2 EDO I . -17.19 -15.22 11.17
O2 EDO I . -17.68 -14.31 12.17
#